data_3CAI
#
_entry.id   3CAI
#
_cell.length_a   81.842
_cell.length_b   81.842
_cell.length_c   115.932
_cell.angle_alpha   90.000
_cell.angle_beta   90.000
_cell.angle_gamma   90.000
#
_symmetry.space_group_name_H-M   'P 41'
#
loop_
_entity.id
_entity.type
_entity.pdbx_description
1 polymer 'POSSIBLE AMINOTRANSFERASE'
2 water water
#
_entity_poly.entity_id   1
_entity_poly.type   'polypeptide(L)'
_entity_poly.pdbx_seq_one_letter_code
;MAHHHHHHGAYDVARVRGLHPSLGDGWVHFDAPAGMLIPDSVATTVSTAFRRSGASTVGAHPSARRSAAVLDAAREAVAD
LVNADPGGVVLGADRAVLLSLLAEASSSRAGLGYEVIVSRLDDEANIAPWLRAAHRYGAKVKWAEVDIETGELPTWQWES
LISKSTRLVAVNSASGTLGGVTDLRAMTKLVHDVGALVVVDHSAAAPYRLLDIRETDADVVTVNAHAWGGPPIGAMVFRD
PSVMNSFGSVSTNPYATGPARLEIGVHQFGLLAGVVASIEYLAALDESARGSRRERLAVSMQSADAYLNRVFDYLMVSLR
SLPLVMLIGRPEAQIPVVSFAVHKVPADRVVQRLADNGILAIANTGSRVLDVLGVNDVGGAVTVGLAHYSTMAEVDQLVR
ALASLG
;
_entity_poly.pdbx_strand_id   A,B
#
# COMPACT_ATOMS: atom_id res chain seq x y z
N TYR A 11 11.94 -3.01 34.09
CA TYR A 11 11.10 -3.60 33.00
C TYR A 11 10.25 -4.75 33.54
N ASP A 12 8.99 -4.76 33.16
CA ASP A 12 8.01 -5.70 33.71
C ASP A 12 7.40 -6.49 32.57
N VAL A 13 7.97 -7.66 32.28
CA VAL A 13 7.49 -8.47 31.17
C VAL A 13 6.07 -8.96 31.37
N ALA A 14 5.69 -9.22 32.63
CA ALA A 14 4.33 -9.62 32.95
C ALA A 14 3.30 -8.57 32.51
N ARG A 15 3.59 -7.30 32.78
CA ARG A 15 2.73 -6.21 32.32
C ARG A 15 2.62 -6.16 30.78
N VAL A 16 3.76 -6.27 30.11
CA VAL A 16 3.77 -6.20 28.64
C VAL A 16 2.97 -7.36 28.07
N ARG A 17 3.14 -8.55 28.66
CA ARG A 17 2.38 -9.72 28.21
C ARG A 17 0.87 -9.53 28.39
N GLY A 18 0.47 -8.77 29.40
CA GLY A 18 -0.96 -8.41 29.61
C GLY A 18 -1.56 -7.61 28.48
N LEU A 19 -0.70 -6.95 27.70
CA LEU A 19 -1.16 -6.13 26.57
C LEU A 19 -1.48 -6.99 25.34
N HIS A 20 -1.24 -8.28 25.44
CA HIS A 20 -1.40 -9.24 24.35
C HIS A 20 -2.30 -10.39 24.83
N PRO A 21 -3.62 -10.27 24.63
CA PRO A 21 -4.64 -11.21 25.13
C PRO A 21 -4.39 -12.70 24.81
N SER A 22 -3.78 -13.03 23.68
CA SER A 22 -3.60 -14.45 23.31
C SER A 22 -2.53 -15.19 24.15
N LEU A 23 -1.53 -14.46 24.64
CA LEU A 23 -0.42 -15.08 25.36
C LEU A 23 -0.88 -15.91 26.56
N GLY A 24 -0.23 -17.06 26.74
CA GLY A 24 -0.55 -17.95 27.83
C GLY A 24 -1.45 -19.09 27.40
N ASP A 25 -1.88 -19.06 26.14
CA ASP A 25 -2.76 -20.11 25.60
C ASP A 25 -1.98 -21.33 25.11
N GLY A 26 -0.67 -21.32 25.32
CA GLY A 26 0.16 -22.46 24.98
C GLY A 26 1.15 -22.15 23.88
N TRP A 27 0.77 -21.26 22.96
CA TRP A 27 1.65 -20.92 21.85
C TRP A 27 2.82 -20.06 22.30
N VAL A 28 4.01 -20.45 21.86
CA VAL A 28 5.23 -19.74 22.24
C VAL A 28 5.79 -19.10 20.97
N HIS A 29 5.91 -17.78 21.00
CA HIS A 29 6.31 -17.03 19.82
C HIS A 29 7.80 -16.68 19.83
N PHE A 30 8.54 -17.34 18.94
CA PHE A 30 9.91 -16.95 18.63
C PHE A 30 10.03 -16.56 17.16
N ASP A 31 8.91 -16.12 16.58
CA ASP A 31 8.84 -15.77 15.18
C ASP A 31 8.79 -14.23 14.94
N ALA A 32 9.28 -13.45 15.90
CA ALA A 32 9.33 -11.98 15.79
C ALA A 32 9.82 -11.41 14.44
N PRO A 33 10.86 -12.01 13.82
CA PRO A 33 11.29 -11.45 12.52
C PRO A 33 10.21 -11.40 11.43
N ALA A 34 9.20 -12.26 11.50
CA ALA A 34 8.08 -12.23 10.56
C ALA A 34 7.01 -11.19 10.92
N GLY A 35 7.15 -10.56 12.09
CA GLY A 35 6.17 -9.61 12.60
C GLY A 35 5.73 -10.02 14.01
N MET A 36 5.82 -9.09 14.95
CA MET A 36 5.42 -9.34 16.33
C MET A 36 3.89 -9.29 16.47
N LEU A 37 3.38 -9.84 17.57
CA LEU A 37 1.96 -9.80 17.89
C LEU A 37 1.46 -8.37 17.97
N ILE A 38 0.23 -8.17 17.49
CA ILE A 38 -0.39 -6.84 17.52
C ILE A 38 -1.00 -6.60 18.91
N PRO A 39 -0.49 -5.59 19.64
CA PRO A 39 -1.08 -5.29 20.94
C PRO A 39 -2.60 -5.00 20.82
N ASP A 40 -3.36 -5.35 21.85
CA ASP A 40 -4.80 -5.03 21.93
C ASP A 40 -5.10 -3.56 21.59
N SER A 41 -4.31 -2.64 22.15
CA SER A 41 -4.53 -1.19 21.93
C SER A 41 -4.43 -0.78 20.46
N VAL A 42 -3.51 -1.43 19.74
CA VAL A 42 -3.32 -1.16 18.31
C VAL A 42 -4.53 -1.67 17.51
N ALA A 43 -4.99 -2.87 17.83
CA ALA A 43 -6.15 -3.47 17.16
C ALA A 43 -7.39 -2.60 17.37
N THR A 44 -7.61 -2.19 18.61
CA THR A 44 -8.77 -1.34 18.91
C THR A 44 -8.73 -0.02 18.15
N THR A 45 -7.55 0.59 18.09
CA THR A 45 -7.37 1.86 17.39
C THR A 45 -7.68 1.72 15.90
N VAL A 46 -7.19 0.65 15.28
CA VAL A 46 -7.46 0.42 13.87
C VAL A 46 -8.96 0.22 13.65
N SER A 47 -9.60 -0.54 14.55
CA SER A 47 -11.04 -0.83 14.41
C SER A 47 -11.82 0.47 14.37
N THR A 48 -11.57 1.35 15.33
N THR A 48 -11.56 1.33 15.34
CA THR A 48 -12.34 2.59 15.43
CA THR A 48 -12.28 2.60 15.47
C THR A 48 -11.98 3.60 14.33
C THR A 48 -11.98 3.56 14.33
N ALA A 49 -10.69 3.76 14.07
CA ALA A 49 -10.23 4.67 13.04
C ALA A 49 -10.70 4.25 11.65
N PHE A 50 -10.74 2.95 11.39
CA PHE A 50 -11.18 2.51 10.07
C PHE A 50 -12.64 2.91 9.82
N ARG A 51 -13.48 2.67 10.83
CA ARG A 51 -14.89 3.01 10.76
C ARG A 51 -15.13 4.52 10.64
N ARG A 52 -14.28 5.31 11.30
CA ARG A 52 -14.55 6.76 11.48
C ARG A 52 -13.83 7.67 10.49
N SER A 53 -12.84 7.14 9.79
CA SER A 53 -12.03 7.97 8.91
C SER A 53 -12.73 8.19 7.59
N GLY A 54 -12.68 9.43 7.10
CA GLY A 54 -13.39 9.80 5.90
C GLY A 54 -12.67 9.34 4.66
N ALA A 55 -13.36 9.43 3.53
CA ALA A 55 -12.80 9.03 2.23
C ALA A 55 -11.48 9.74 1.92
N SER A 56 -11.41 11.02 2.27
CA SER A 56 -10.26 11.84 1.98
C SER A 56 -10.11 12.89 3.10
N THR A 57 -9.10 13.75 2.98
CA THR A 57 -8.85 14.77 4.00
C THR A 57 -9.58 16.07 3.67
N VAL A 58 -10.31 16.08 2.56
CA VAL A 58 -10.97 17.28 2.09
C VAL A 58 -12.48 17.21 2.31
N GLY A 59 -13.09 18.34 2.66
CA GLY A 59 -14.54 18.43 2.80
C GLY A 59 -14.95 18.74 4.21
N ALA A 60 -16.23 19.06 4.38
CA ALA A 60 -16.72 19.64 5.62
C ALA A 60 -17.09 18.63 6.69
N HIS A 61 -17.18 17.35 6.32
CA HIS A 61 -17.54 16.30 7.28
C HIS A 61 -16.43 16.11 8.32
N PRO A 62 -16.81 15.96 9.60
CA PRO A 62 -15.87 15.58 10.65
C PRO A 62 -14.95 14.41 10.28
N SER A 63 -15.43 13.45 9.49
CA SER A 63 -14.59 12.32 9.09
C SER A 63 -13.32 12.76 8.28
N ALA A 64 -13.46 13.84 7.51
CA ALA A 64 -12.35 14.39 6.74
C ALA A 64 -11.29 15.01 7.66
N ARG A 65 -11.75 15.72 8.70
CA ARG A 65 -10.83 16.27 9.70
C ARG A 65 -10.09 15.12 10.36
N ARG A 66 -10.82 14.05 10.65
CA ARG A 66 -10.26 12.87 11.32
C ARG A 66 -9.13 12.24 10.51
N SER A 67 -9.38 12.03 9.22
CA SER A 67 -8.36 11.51 8.32
C SER A 67 -7.12 12.40 8.26
N ALA A 68 -7.33 13.72 8.15
CA ALA A 68 -6.22 14.67 8.11
C ALA A 68 -5.39 14.59 9.40
N ALA A 69 -6.09 14.52 10.52
CA ALA A 69 -5.45 14.47 11.84
C ALA A 69 -4.63 13.21 12.04
N VAL A 70 -5.17 12.06 11.63
N VAL A 70 -5.18 12.09 11.60
CA VAL A 70 -4.41 10.82 11.78
CA VAL A 70 -4.52 10.78 11.72
C VAL A 70 -3.19 10.78 10.88
C VAL A 70 -3.25 10.72 10.86
N LEU A 71 -3.34 11.32 9.68
CA LEU A 71 -2.22 11.39 8.73
C LEU A 71 -1.08 12.23 9.33
N ASP A 72 -1.42 13.41 9.84
CA ASP A 72 -0.46 14.27 10.52
C ASP A 72 0.18 13.59 11.73
N ALA A 73 -0.66 12.94 12.55
CA ALA A 73 -0.21 12.23 13.75
C ALA A 73 0.73 11.09 13.41
N ALA A 74 0.46 10.38 12.32
CA ALA A 74 1.36 9.29 11.86
C ALA A 74 2.75 9.83 11.50
N ARG A 75 2.78 10.93 10.76
CA ARG A 75 4.06 11.59 10.45
C ARG A 75 4.82 11.99 11.72
N GLU A 76 4.13 12.55 12.69
CA GLU A 76 4.77 12.95 13.95
C GLU A 76 5.30 11.76 14.74
N ALA A 77 4.54 10.67 14.76
CA ALA A 77 4.93 9.48 15.52
C ALA A 77 6.18 8.86 14.90
N VAL A 78 6.18 8.74 13.57
CA VAL A 78 7.36 8.17 12.91
C VAL A 78 8.58 9.09 13.09
N ALA A 79 8.35 10.40 12.97
CA ALA A 79 9.42 11.37 13.19
C ALA A 79 10.03 11.21 14.58
N ASP A 80 9.17 11.07 15.60
CA ASP A 80 9.66 10.78 16.95
C ASP A 80 10.52 9.53 17.01
N LEU A 81 10.13 8.49 16.29
CA LEU A 81 10.85 7.22 16.33
C LEU A 81 12.30 7.34 15.85
N VAL A 82 12.54 8.16 14.83
CA VAL A 82 13.90 8.27 14.29
C VAL A 82 14.52 9.66 14.49
N ASN A 83 13.93 10.43 15.39
CA ASN A 83 14.39 11.78 15.70
C ASN A 83 14.51 12.69 14.48
N ALA A 84 13.50 12.65 13.61
CA ALA A 84 13.43 13.49 12.41
C ALA A 84 12.35 14.57 12.56
N ASP A 85 11.98 15.18 11.43
CA ASP A 85 10.90 16.16 11.36
C ASP A 85 9.74 15.51 10.62
N PRO A 86 8.49 15.74 11.04
CA PRO A 86 7.37 15.10 10.33
C PRO A 86 7.31 15.52 8.86
N GLY A 87 7.90 16.68 8.53
CA GLY A 87 7.97 17.17 7.17
C GLY A 87 8.87 16.34 6.26
N GLY A 88 9.61 15.40 6.83
CA GLY A 88 10.46 14.52 6.05
C GLY A 88 9.95 13.08 6.04
N VAL A 89 8.75 12.84 6.58
CA VAL A 89 8.21 11.48 6.70
C VAL A 89 7.23 11.15 5.58
N VAL A 90 7.62 10.18 4.74
CA VAL A 90 6.78 9.67 3.65
C VAL A 90 6.18 8.35 4.11
N LEU A 91 4.86 8.22 3.95
CA LEU A 91 4.14 7.02 4.40
C LEU A 91 3.57 6.22 3.24
N GLY A 92 3.58 4.90 3.40
CA GLY A 92 3.01 4.02 2.40
C GLY A 92 2.75 2.62 2.94
N ALA A 93 2.49 1.68 2.05
CA ALA A 93 1.98 0.37 2.46
C ALA A 93 3.05 -0.48 3.12
N ASP A 94 4.32 -0.24 2.77
CA ASP A 94 5.42 -1.08 3.26
C ASP A 94 6.71 -0.40 2.86
N ARG A 95 7.75 -0.59 3.66
N ARG A 95 7.76 -0.57 3.65
CA ARG A 95 9.10 -0.07 3.35
CA ARG A 95 9.05 0.02 3.29
C ARG A 95 9.55 -0.51 1.95
C ARG A 95 9.54 -0.50 1.93
N ALA A 96 9.14 -1.71 1.56
CA ALA A 96 9.54 -2.29 0.26
C ALA A 96 8.93 -1.50 -0.92
N VAL A 97 7.68 -1.06 -0.76
CA VAL A 97 7.04 -0.22 -1.77
C VAL A 97 7.75 1.14 -1.88
N LEU A 98 8.01 1.73 -0.73
CA LEU A 98 8.70 3.04 -0.64
C LEU A 98 10.12 2.99 -1.21
N LEU A 99 10.85 1.92 -0.91
CA LEU A 99 12.21 1.73 -1.48
C LEU A 99 12.16 1.53 -3.01
N SER A 100 11.12 0.86 -3.50
CA SER A 100 10.94 0.67 -4.94
C SER A 100 10.70 2.04 -5.60
N LEU A 101 9.81 2.83 -4.99
CA LEU A 101 9.53 4.19 -5.44
C LEU A 101 10.81 5.05 -5.47
N LEU A 102 11.59 4.97 -4.40
CA LEU A 102 12.87 5.71 -4.28
C LEU A 102 13.87 5.33 -5.37
N ALA A 103 14.05 4.02 -5.56
CA ALA A 103 14.97 3.54 -6.58
C ALA A 103 14.54 4.06 -7.95
N GLU A 104 13.24 3.99 -8.22
CA GLU A 104 12.69 4.55 -9.47
C GLU A 104 12.98 6.03 -9.63
N ALA A 105 12.81 6.80 -8.57
CA ALA A 105 13.00 8.25 -8.59
C ALA A 105 14.48 8.66 -8.65
N SER A 106 15.36 7.74 -8.32
CA SER A 106 16.82 7.94 -8.36
C SER A 106 17.32 7.99 -9.79
N SER A 107 16.48 7.50 -10.70
CA SER A 107 16.73 7.45 -12.13
C SER A 107 18.19 7.28 -12.48
N SER A 108 18.83 8.34 -12.99
CA SER A 108 20.17 8.20 -13.56
C SER A 108 21.29 8.04 -12.54
N ARG A 109 20.99 8.28 -11.26
CA ARG A 109 21.93 7.94 -10.18
C ARG A 109 22.21 6.43 -10.18
N ALA A 110 21.36 5.68 -10.85
CA ALA A 110 21.58 4.25 -11.01
C ALA A 110 22.06 3.96 -12.44
N GLY A 111 22.69 4.97 -13.06
CA GLY A 111 23.00 4.93 -14.49
C GLY A 111 24.43 4.57 -14.85
N LEU A 112 24.62 4.20 -16.11
CA LEU A 112 25.94 3.85 -16.64
C LEU A 112 26.92 4.99 -16.37
N GLY A 113 28.12 4.64 -15.93
CA GLY A 113 29.10 5.63 -15.48
C GLY A 113 29.20 5.71 -13.96
N TYR A 114 28.16 5.24 -13.27
CA TYR A 114 28.15 5.25 -11.80
C TYR A 114 28.09 3.87 -11.21
N GLU A 115 28.20 3.84 -9.88
CA GLU A 115 28.19 2.62 -9.10
C GLU A 115 27.12 2.76 -8.04
N VAL A 116 26.39 1.66 -7.83
CA VAL A 116 25.41 1.54 -6.77
C VAL A 116 25.94 0.45 -5.84
N ILE A 117 25.92 0.71 -4.53
CA ILE A 117 26.34 -0.29 -3.55
C ILE A 117 25.14 -0.82 -2.78
N VAL A 118 25.01 -2.15 -2.77
CA VAL A 118 24.00 -2.84 -1.96
C VAL A 118 24.73 -3.74 -0.97
N SER A 119 24.02 -4.25 0.03
CA SER A 119 24.68 -5.04 1.07
C SER A 119 24.21 -6.49 1.09
N ARG A 120 25.17 -7.41 1.21
N ARG A 120 25.17 -7.41 1.22
CA ARG A 120 24.85 -8.83 1.25
CA ARG A 120 24.88 -8.83 1.26
C ARG A 120 24.02 -9.20 2.48
C ARG A 120 24.08 -9.23 2.51
N LEU A 121 24.09 -8.37 3.53
CA LEU A 121 23.32 -8.61 4.74
C LEU A 121 21.90 -8.09 4.67
N ASP A 122 21.54 -7.39 3.59
CA ASP A 122 20.25 -6.72 3.58
C ASP A 122 19.07 -7.64 3.25
N ASP A 123 17.88 -7.20 3.67
CA ASP A 123 16.62 -7.78 3.21
C ASP A 123 16.49 -7.50 1.72
N GLU A 124 15.84 -8.41 1.00
CA GLU A 124 15.60 -8.22 -0.42
C GLU A 124 14.86 -6.89 -0.73
N ALA A 125 14.06 -6.39 0.21
CA ALA A 125 13.37 -5.09 0.04
C ALA A 125 14.33 -3.92 -0.30
N ASN A 126 15.52 -3.97 0.27
CA ASN A 126 16.53 -2.91 0.06
C ASN A 126 17.66 -3.39 -0.86
N ILE A 127 17.37 -4.40 -1.66
CA ILE A 127 18.31 -4.87 -2.66
C ILE A 127 17.65 -4.86 -4.04
N ALA A 128 16.51 -5.57 -4.14
CA ALA A 128 15.85 -5.80 -5.41
C ALA A 128 15.61 -4.51 -6.21
N PRO A 129 15.05 -3.44 -5.58
CA PRO A 129 14.75 -2.25 -6.41
C PRO A 129 15.99 -1.57 -6.99
N TRP A 130 17.11 -1.68 -6.28
CA TRP A 130 18.34 -1.06 -6.73
C TRP A 130 18.92 -1.86 -7.91
N LEU A 131 18.83 -3.19 -7.82
CA LEU A 131 19.25 -4.05 -8.92
C LEU A 131 18.39 -3.76 -10.17
N ARG A 132 17.09 -3.61 -9.95
CA ARG A 132 16.16 -3.35 -11.06
C ARG A 132 16.52 -2.03 -11.73
N ALA A 133 16.76 -1.02 -10.90
CA ALA A 133 17.09 0.31 -11.39
C ALA A 133 18.43 0.28 -12.13
N ALA A 134 19.38 -0.46 -11.61
CA ALA A 134 20.68 -0.62 -12.27
C ALA A 134 20.55 -1.22 -13.66
N HIS A 135 19.67 -2.23 -13.84
CA HIS A 135 19.47 -2.77 -15.19
C HIS A 135 18.88 -1.73 -16.14
N ARG A 136 17.91 -0.97 -15.65
CA ARG A 136 17.21 0.01 -16.48
C ARG A 136 18.15 1.12 -16.94
N TYR A 137 19.00 1.61 -16.02
CA TYR A 137 19.81 2.80 -16.29
C TYR A 137 21.29 2.53 -16.54
N GLY A 138 21.81 1.44 -15.98
CA GLY A 138 23.12 0.93 -16.39
C GLY A 138 24.29 0.96 -15.40
N ALA A 139 24.04 1.39 -14.17
CA ALA A 139 25.11 1.46 -13.14
C ALA A 139 25.71 0.10 -12.83
N LYS A 140 26.96 0.12 -12.38
CA LYS A 140 27.63 -1.09 -11.93
C LYS A 140 27.17 -1.35 -10.50
N VAL A 141 26.63 -2.54 -10.24
CA VAL A 141 26.25 -2.92 -8.87
C VAL A 141 27.45 -3.51 -8.13
N LYS A 142 27.81 -2.89 -7.00
CA LYS A 142 28.87 -3.38 -6.12
C LYS A 142 28.25 -3.81 -4.80
N TRP A 143 28.88 -4.79 -4.17
CA TRP A 143 28.34 -5.44 -2.97
C TRP A 143 29.28 -5.25 -1.77
N ALA A 144 28.72 -4.79 -0.67
CA ALA A 144 29.40 -4.88 0.62
C ALA A 144 29.20 -6.31 1.08
N GLU A 145 30.30 -6.99 1.35
CA GLU A 145 30.28 -8.42 1.66
C GLU A 145 30.44 -8.65 3.14
N VAL A 146 29.95 -9.80 3.63
CA VAL A 146 30.12 -10.12 5.04
C VAL A 146 31.41 -10.89 5.27
N ASP A 147 31.96 -10.75 6.47
CA ASP A 147 33.00 -11.64 6.96
C ASP A 147 32.36 -13.03 7.16
N ILE A 148 32.96 -14.06 6.59
CA ILE A 148 32.30 -15.39 6.60
C ILE A 148 32.27 -16.07 7.98
N GLU A 149 33.13 -15.63 8.88
CA GLU A 149 33.14 -16.14 10.26
C GLU A 149 32.19 -15.42 11.18
N THR A 150 32.21 -14.08 11.14
CA THR A 150 31.42 -13.30 12.09
C THR A 150 30.03 -12.92 11.57
N GLY A 151 29.85 -12.93 10.25
CA GLY A 151 28.60 -12.48 9.60
C GLY A 151 28.42 -10.98 9.52
N GLU A 152 29.46 -10.23 9.90
CA GLU A 152 29.38 -8.77 9.94
C GLU A 152 29.86 -8.15 8.64
N LEU A 153 29.40 -6.93 8.35
CA LEU A 153 29.96 -6.12 7.27
C LEU A 153 31.13 -5.31 7.84
N PRO A 154 32.37 -5.74 7.56
CA PRO A 154 33.53 -5.11 8.19
C PRO A 154 33.67 -3.65 7.77
N THR A 155 34.06 -2.80 8.72
CA THR A 155 34.12 -1.37 8.44
C THR A 155 35.21 -1.02 7.45
N TRP A 156 36.26 -1.84 7.40
CA TRP A 156 37.42 -1.53 6.57
C TRP A 156 37.19 -1.65 5.05
N GLN A 157 36.13 -2.35 4.65
CA GLN A 157 35.88 -2.58 3.23
C GLN A 157 35.35 -1.34 2.50
N TRP A 158 34.77 -0.39 3.24
CA TRP A 158 34.10 0.75 2.60
C TRP A 158 35.03 1.66 1.79
N GLU A 159 36.26 1.83 2.26
CA GLU A 159 37.18 2.75 1.62
C GLU A 159 37.57 2.31 0.22
N SER A 160 37.59 1.01 -0.04
CA SER A 160 37.86 0.49 -1.38
C SER A 160 36.59 0.33 -2.20
N LEU A 161 35.46 0.10 -1.54
CA LEU A 161 34.18 -0.05 -2.25
C LEU A 161 33.66 1.28 -2.80
N ILE A 162 33.81 2.33 -1.99
CA ILE A 162 33.31 3.65 -2.35
C ILE A 162 34.34 4.35 -3.23
N SER A 163 33.90 4.79 -4.40
CA SER A 163 34.77 5.49 -5.34
C SER A 163 34.13 6.80 -5.73
N LYS A 164 34.87 7.61 -6.49
CA LYS A 164 34.31 8.87 -6.99
C LYS A 164 33.03 8.63 -7.82
N SER A 165 32.84 7.40 -8.31
CA SER A 165 31.68 7.08 -9.16
C SER A 165 30.45 6.62 -8.37
N THR A 166 30.61 6.42 -7.06
CA THR A 166 29.49 5.94 -6.24
C THR A 166 28.42 7.03 -6.15
N ARG A 167 27.17 6.68 -6.43
CA ARG A 167 26.06 7.63 -6.31
C ARG A 167 24.99 7.23 -5.29
N LEU A 168 24.83 5.93 -5.07
CA LEU A 168 23.77 5.40 -4.19
C LEU A 168 24.32 4.26 -3.32
N VAL A 169 24.06 4.31 -2.01
CA VAL A 169 24.46 3.22 -1.11
C VAL A 169 23.27 2.83 -0.23
N ALA A 170 22.87 1.57 -0.34
CA ALA A 170 21.70 1.03 0.35
C ALA A 170 22.22 -0.02 1.31
N VAL A 171 22.01 0.20 2.61
CA VAL A 171 22.56 -0.70 3.66
C VAL A 171 21.54 -0.83 4.79
N ASN A 172 21.65 -1.88 5.60
CA ASN A 172 20.75 -2.01 6.77
C ASN A 172 21.46 -1.61 8.05
N SER A 173 20.68 -1.21 9.05
CA SER A 173 21.24 -0.90 10.37
C SER A 173 21.52 -2.20 11.15
N ALA A 174 20.83 -3.28 10.77
CA ALA A 174 21.01 -4.60 11.43
C ALA A 174 20.39 -5.67 10.55
N SER A 175 20.85 -6.90 10.71
CA SER A 175 20.28 -8.02 9.94
C SER A 175 19.11 -8.66 10.67
N GLY A 176 17.99 -8.85 9.95
CA GLY A 176 16.83 -9.54 10.53
C GLY A 176 16.93 -11.05 10.40
N THR A 177 18.09 -11.50 9.93
CA THR A 177 18.39 -12.92 9.80
C THR A 177 19.52 -13.30 10.75
N LEU A 178 20.63 -12.57 10.70
CA LEU A 178 21.75 -12.92 11.58
C LEU A 178 21.76 -12.14 12.88
N GLY A 179 21.02 -11.03 12.92
CA GLY A 179 20.94 -10.24 14.15
C GLY A 179 22.05 -9.21 14.32
N GLY A 180 23.12 -9.29 13.54
CA GLY A 180 24.25 -8.35 13.70
C GLY A 180 23.92 -6.90 13.39
N VAL A 181 24.41 -6.00 14.25
CA VAL A 181 24.22 -4.55 14.10
C VAL A 181 25.39 -3.97 13.30
N THR A 182 25.08 -3.26 12.23
N THR A 182 25.07 -3.29 12.20
CA THR A 182 26.10 -2.77 11.28
CA THR A 182 26.11 -2.73 11.34
C THR A 182 26.71 -1.41 11.70
C THR A 182 26.75 -1.48 11.96
N ASP A 183 28.05 -1.34 11.73
CA ASP A 183 28.75 -0.12 12.09
C ASP A 183 28.85 0.73 10.83
N LEU A 184 28.11 1.84 10.81
CA LEU A 184 27.99 2.70 9.63
C LEU A 184 28.68 4.06 9.80
N ARG A 185 29.29 4.27 10.97
CA ARG A 185 29.91 5.57 11.30
C ARG A 185 30.90 6.04 10.23
N ALA A 186 31.95 5.26 9.99
CA ALA A 186 32.98 5.65 9.02
C ALA A 186 32.45 5.72 7.59
N MET A 187 31.64 4.74 7.21
CA MET A 187 31.15 4.66 5.84
C MET A 187 30.30 5.87 5.42
N THR A 188 29.49 6.38 6.35
CA THR A 188 28.61 7.51 6.07
C THR A 188 29.42 8.73 5.60
N LYS A 189 30.49 9.02 6.35
CA LYS A 189 31.46 10.05 5.99
C LYS A 189 31.99 9.87 4.58
N LEU A 190 32.47 8.67 4.27
CA LEU A 190 33.02 8.35 2.96
C LEU A 190 31.99 8.49 1.85
N VAL A 191 30.75 8.10 2.13
CA VAL A 191 29.68 8.22 1.14
C VAL A 191 29.42 9.71 0.85
N HIS A 192 29.31 10.52 1.89
CA HIS A 192 29.04 11.94 1.71
C HIS A 192 30.19 12.65 0.98
N ASP A 193 31.41 12.17 1.21
CA ASP A 193 32.62 12.72 0.59
C ASP A 193 32.58 12.69 -0.94
N VAL A 194 31.89 11.72 -1.52
CA VAL A 194 31.83 11.60 -2.98
C VAL A 194 30.49 12.07 -3.55
N GLY A 195 29.66 12.64 -2.68
CA GLY A 195 28.35 13.15 -3.07
C GLY A 195 27.28 12.10 -3.30
N ALA A 196 27.43 10.95 -2.67
CA ALA A 196 26.45 9.88 -2.82
C ALA A 196 25.40 9.98 -1.72
N LEU A 197 24.30 9.25 -1.90
CA LEU A 197 23.25 9.17 -0.90
C LEU A 197 23.34 7.87 -0.11
N VAL A 198 23.09 7.96 1.19
CA VAL A 198 23.06 6.80 2.08
C VAL A 198 21.59 6.50 2.43
N VAL A 199 21.11 5.34 2.02
CA VAL A 199 19.76 4.89 2.37
C VAL A 199 19.89 3.74 3.37
N VAL A 200 19.39 3.94 4.60
CA VAL A 200 19.53 2.91 5.65
C VAL A 200 18.18 2.28 5.96
N ASP A 201 18.06 0.98 5.72
CA ASP A 201 16.87 0.25 6.12
C ASP A 201 17.04 -0.16 7.57
N HIS A 202 16.20 0.43 8.41
CA HIS A 202 16.22 0.20 9.84
C HIS A 202 15.08 -0.78 10.25
N SER A 203 14.41 -1.40 9.27
CA SER A 203 13.20 -2.18 9.59
C SER A 203 13.42 -3.36 10.55
N ALA A 204 14.58 -4.03 10.44
CA ALA A 204 14.83 -5.20 11.30
C ALA A 204 15.13 -4.81 12.75
N ALA A 205 15.84 -3.70 12.92
CA ALA A 205 16.27 -3.24 14.23
C ALA A 205 15.25 -2.37 14.94
N ALA A 206 14.32 -1.78 14.18
CA ALA A 206 13.38 -0.79 14.72
C ALA A 206 12.58 -1.25 15.95
N PRO A 207 12.16 -2.55 16.03
CA PRO A 207 11.48 -2.98 17.25
C PRO A 207 12.33 -2.87 18.53
N TYR A 208 13.65 -2.79 18.36
CA TYR A 208 14.61 -2.97 19.47
C TYR A 208 15.50 -1.78 19.81
N ARG A 209 15.92 -1.04 18.79
CA ARG A 209 16.88 0.03 19.00
C ARG A 209 16.42 1.26 18.27
N LEU A 210 16.63 2.43 18.87
CA LEU A 210 16.33 3.67 18.16
C LEU A 210 17.48 4.03 17.23
N LEU A 211 17.14 4.48 16.03
CA LEU A 211 18.10 5.13 15.16
C LEU A 211 17.87 6.63 15.21
N ASP A 212 18.91 7.38 15.51
CA ASP A 212 18.84 8.83 15.55
C ASP A 212 19.34 9.39 14.21
N ILE A 213 18.42 9.85 13.37
CA ILE A 213 18.83 10.30 12.03
C ILE A 213 19.75 11.53 12.08
N ARG A 214 19.66 12.32 13.15
CA ARG A 214 20.54 13.49 13.33
C ARG A 214 21.94 13.06 13.69
N GLU A 215 22.06 12.04 14.53
CA GLU A 215 23.36 11.54 14.95
C GLU A 215 24.05 10.74 13.85
N THR A 216 23.31 9.88 13.16
CA THR A 216 23.91 8.98 12.16
C THR A 216 24.19 9.62 10.80
N ASP A 217 23.50 10.71 10.47
CA ASP A 217 23.70 11.40 9.19
C ASP A 217 23.26 10.59 7.96
N ALA A 218 22.44 9.55 8.14
CA ALA A 218 21.85 8.84 7.00
C ALA A 218 20.94 9.80 6.25
N ASP A 219 20.93 9.73 4.92
CA ASP A 219 20.07 10.63 4.14
C ASP A 219 18.60 10.20 4.19
N VAL A 220 18.38 8.89 4.12
CA VAL A 220 17.03 8.31 4.10
C VAL A 220 17.05 7.09 5.03
N VAL A 221 16.02 6.97 5.86
CA VAL A 221 15.85 5.80 6.75
C VAL A 221 14.44 5.22 6.57
N THR A 222 14.34 3.90 6.43
CA THR A 222 13.04 3.22 6.30
C THR A 222 12.74 2.32 7.50
N VAL A 223 11.46 2.23 7.86
CA VAL A 223 11.00 1.35 8.91
C VAL A 223 9.66 0.74 8.49
N ASN A 224 9.26 -0.36 9.14
CA ASN A 224 8.04 -1.09 8.79
C ASN A 224 7.32 -1.39 10.09
N ALA A 225 6.17 -0.76 10.32
CA ALA A 225 5.46 -0.87 11.63
C ALA A 225 5.06 -2.31 12.00
N HIS A 226 4.79 -3.13 10.98
CA HIS A 226 4.45 -4.56 11.12
C HIS A 226 5.50 -5.29 11.96
N ALA A 227 6.75 -4.86 11.85
CA ALA A 227 7.86 -5.47 12.60
C ALA A 227 7.66 -5.48 14.11
N TRP A 228 7.10 -4.39 14.66
CA TRP A 228 6.89 -4.32 16.11
C TRP A 228 5.43 -4.55 16.52
N GLY A 229 4.63 -5.11 15.63
CA GLY A 229 3.22 -5.40 15.94
C GLY A 229 2.29 -4.24 15.65
N GLY A 230 2.79 -3.23 14.95
CA GLY A 230 1.90 -2.23 14.33
C GLY A 230 1.21 -2.81 13.10
N PRO A 231 0.35 -1.98 12.45
CA PRO A 231 -0.31 -2.37 11.19
C PRO A 231 0.74 -2.44 10.09
N PRO A 232 0.40 -3.09 8.95
CA PRO A 232 1.31 -3.13 7.82
C PRO A 232 1.35 -1.78 7.09
N ILE A 233 2.21 -0.89 7.58
CA ILE A 233 2.46 0.43 6.98
C ILE A 233 3.96 0.66 7.06
N GLY A 234 4.55 1.17 5.97
CA GLY A 234 5.96 1.54 5.99
C GLY A 234 6.14 3.05 6.03
N ALA A 235 7.35 3.48 6.42
CA ALA A 235 7.69 4.88 6.36
C ALA A 235 9.09 5.03 5.82
N MET A 236 9.29 6.12 5.09
CA MET A 236 10.59 6.47 4.56
C MET A 236 10.86 7.90 4.98
N VAL A 237 11.93 8.10 5.74
CA VAL A 237 12.19 9.37 6.41
C VAL A 237 13.44 10.05 5.85
N PHE A 238 13.29 11.29 5.45
CA PHE A 238 14.40 12.04 4.88
C PHE A 238 14.97 12.97 5.95
N ARG A 239 16.29 12.92 6.14
CA ARG A 239 16.98 13.82 7.05
C ARG A 239 16.80 15.27 6.62
N ASP A 240 16.79 15.51 5.31
CA ASP A 240 16.77 16.87 4.78
C ASP A 240 15.68 17.00 3.74
N PRO A 241 14.55 17.63 4.10
CA PRO A 241 13.45 17.96 3.19
C PRO A 241 13.86 18.54 1.83
N SER A 242 15.04 19.16 1.76
CA SER A 242 15.59 19.65 0.51
C SER A 242 16.04 18.49 -0.40
N VAL A 243 16.66 17.48 0.19
CA VAL A 243 16.99 16.27 -0.53
C VAL A 243 15.70 15.59 -1.01
N MET A 244 14.71 15.55 -0.12
CA MET A 244 13.41 14.99 -0.45
C MET A 244 12.77 15.58 -1.70
N ASN A 245 12.74 16.91 -1.83
CA ASN A 245 12.12 17.47 -3.03
C ASN A 245 12.95 17.52 -4.31
N SER A 246 14.22 17.11 -4.22
CA SER A 246 15.05 16.91 -5.40
C SER A 246 14.65 15.62 -6.13
N PHE A 247 13.83 14.79 -5.47
CA PHE A 247 13.22 13.63 -6.13
C PHE A 247 11.95 14.09 -6.85
N GLY A 248 11.58 13.36 -7.91
CA GLY A 248 10.44 13.77 -8.74
C GLY A 248 9.10 13.41 -8.10
N SER A 249 8.16 14.36 -8.10
CA SER A 249 6.82 14.15 -7.55
C SER A 249 6.09 13.03 -8.28
N VAL A 250 5.48 12.13 -7.51
CA VAL A 250 4.73 11.00 -8.04
C VAL A 250 3.25 11.05 -7.65
N SER A 251 2.90 12.08 -6.89
CA SER A 251 1.52 12.29 -6.47
C SER A 251 0.62 12.60 -7.66
N THR A 252 -0.62 12.13 -7.60
CA THR A 252 -1.64 12.46 -8.60
C THR A 252 -2.22 13.86 -8.34
N ASN A 253 -1.80 14.46 -7.22
CA ASN A 253 -2.12 15.84 -6.88
C ASN A 253 -1.00 16.74 -7.37
N PRO A 254 -1.29 17.61 -8.38
CA PRO A 254 -0.29 18.53 -8.89
C PRO A 254 0.04 19.65 -7.89
N TYR A 255 -0.82 19.79 -6.89
CA TYR A 255 -0.66 20.76 -5.82
C TYR A 255 -0.11 20.10 -4.55
N ALA A 256 0.70 19.07 -4.72
CA ALA A 256 1.30 18.38 -3.59
C ALA A 256 2.53 19.13 -3.10
N THR A 257 2.67 19.22 -1.79
CA THR A 257 3.86 19.82 -1.18
C THR A 257 4.44 18.88 -0.12
N GLY A 258 5.76 18.94 0.07
CA GLY A 258 6.42 18.16 1.12
C GLY A 258 6.34 16.67 0.90
N PRO A 259 6.13 15.87 1.97
CA PRO A 259 6.21 14.43 1.76
C PRO A 259 5.08 13.90 0.88
N ALA A 260 3.95 14.61 0.85
CA ALA A 260 2.81 14.28 -0.02
C ALA A 260 3.21 14.11 -1.48
N ARG A 261 4.27 14.79 -1.90
CA ARG A 261 4.80 14.71 -3.26
C ARG A 261 5.24 13.29 -3.61
N LEU A 262 5.64 12.52 -2.60
CA LEU A 262 6.15 11.16 -2.83
C LEU A 262 5.16 10.07 -2.45
N GLU A 263 3.88 10.43 -2.35
CA GLU A 263 2.86 9.49 -1.90
C GLU A 263 1.86 9.24 -3.00
N ILE A 264 1.68 7.96 -3.33
CA ILE A 264 0.76 7.54 -4.39
C ILE A 264 -0.38 6.75 -3.77
N GLY A 265 -1.61 7.08 -4.15
CA GLY A 265 -2.79 6.34 -3.68
C GLY A 265 -3.46 6.97 -2.47
N VAL A 266 -4.69 6.56 -2.21
CA VAL A 266 -5.46 7.01 -1.06
C VAL A 266 -4.71 6.56 0.20
N HIS A 267 -4.46 7.47 1.14
CA HIS A 267 -3.86 7.07 2.41
C HIS A 267 -4.78 6.13 3.16
N GLN A 268 -4.16 5.20 3.87
CA GLN A 268 -4.91 4.16 4.56
C GLN A 268 -5.09 4.60 6.01
N PHE A 269 -6.03 5.52 6.20
CA PHE A 269 -6.17 6.27 7.46
C PHE A 269 -6.36 5.37 8.68
N GLY A 270 -7.19 4.34 8.53
CA GLY A 270 -7.44 3.37 9.61
C GLY A 270 -6.14 2.75 10.09
N LEU A 271 -5.31 2.31 9.14
CA LEU A 271 -4.01 1.71 9.50
C LEU A 271 -3.06 2.76 10.05
N LEU A 272 -3.06 3.96 9.46
CA LEU A 272 -2.23 5.06 9.97
C LEU A 272 -2.49 5.36 11.46
N ALA A 273 -3.75 5.30 11.89
CA ALA A 273 -4.07 5.53 13.31
C ALA A 273 -3.39 4.46 14.16
N GLY A 274 -3.41 3.23 13.65
CA GLY A 274 -2.74 2.09 14.27
C GLY A 274 -1.23 2.28 14.41
N VAL A 275 -0.62 2.92 13.41
CA VAL A 275 0.82 3.21 13.45
C VAL A 275 1.12 4.06 14.68
N VAL A 276 0.33 5.12 14.87
CA VAL A 276 0.47 6.01 16.02
C VAL A 276 0.36 5.21 17.31
N ALA A 277 -0.66 4.37 17.41
CA ALA A 277 -0.89 3.54 18.59
C ALA A 277 0.28 2.58 18.84
N SER A 278 0.83 2.04 17.77
CA SER A 278 1.97 1.10 17.90
C SER A 278 3.24 1.77 18.41
N ILE A 279 3.44 3.03 18.03
CA ILE A 279 4.59 3.80 18.53
C ILE A 279 4.35 4.25 19.99
N GLU A 280 3.10 4.58 20.31
CA GLU A 280 2.76 4.82 21.71
C GLU A 280 3.04 3.57 22.57
N TYR A 281 2.73 2.39 22.03
CA TYR A 281 3.05 1.12 22.71
C TYR A 281 4.57 1.00 22.98
N LEU A 282 5.38 1.28 21.97
CA LEU A 282 6.83 1.25 22.15
C LEU A 282 7.28 2.27 23.20
N ALA A 283 6.66 3.45 23.20
CA ALA A 283 7.08 4.49 24.13
C ALA A 283 6.73 4.15 25.59
N ALA A 284 5.76 3.25 25.77
CA ALA A 284 5.24 2.89 27.08
C ALA A 284 5.72 1.51 27.59
N LEU A 285 6.72 0.93 26.93
CA LEU A 285 7.28 -0.36 27.35
C LEU A 285 7.79 -0.28 28.77
N ASP A 286 8.38 0.86 29.11
CA ASP A 286 8.70 1.20 30.49
C ASP A 286 7.60 2.15 30.91
N GLU A 287 6.62 1.63 31.63
CA GLU A 287 5.42 2.40 31.92
C GLU A 287 5.77 3.70 32.67
N SER A 288 6.82 3.62 33.48
CA SER A 288 7.31 4.76 34.27
C SER A 288 8.26 5.74 33.55
N ALA A 289 8.44 5.62 32.24
CA ALA A 289 9.22 6.60 31.49
C ALA A 289 8.49 7.94 31.46
N ARG A 290 9.22 9.04 31.65
CA ARG A 290 8.61 10.38 31.65
C ARG A 290 9.20 11.31 30.59
N GLY A 291 8.43 12.33 30.21
CA GLY A 291 8.89 13.30 29.23
C GLY A 291 8.06 13.23 27.96
N SER A 292 8.58 13.83 26.89
CA SER A 292 7.92 13.77 25.58
C SER A 292 7.87 12.33 25.11
N ARG A 293 7.01 12.04 24.13
CA ARG A 293 6.99 10.70 23.54
C ARG A 293 8.39 10.33 23.04
N ARG A 294 9.04 11.29 22.38
CA ARG A 294 10.41 11.14 21.89
C ARG A 294 11.38 10.73 23.00
N GLU A 295 11.32 11.44 24.12
CA GLU A 295 12.12 11.12 25.30
C GLU A 295 11.78 9.75 25.89
N ARG A 296 10.49 9.46 26.02
CA ARG A 296 10.00 8.18 26.53
C ARG A 296 10.36 6.97 25.64
N LEU A 297 10.40 7.18 24.33
CA LEU A 297 10.88 6.12 23.43
C LEU A 297 12.30 5.70 23.81
N ALA A 298 13.15 6.70 24.09
CA ALA A 298 14.55 6.44 24.42
C ALA A 298 14.66 5.58 25.69
N VAL A 299 13.95 6.01 26.75
CA VAL A 299 13.97 5.30 28.02
C VAL A 299 13.37 3.90 27.91
N SER A 300 12.19 3.79 27.31
CA SER A 300 11.50 2.52 27.21
C SER A 300 12.27 1.51 26.35
N MET A 301 12.83 1.97 25.23
CA MET A 301 13.60 1.07 24.37
C MET A 301 14.90 0.62 25.07
N GLN A 302 15.54 1.53 25.80
CA GLN A 302 16.72 1.18 26.61
C GLN A 302 16.39 0.12 27.67
N SER A 303 15.32 0.34 28.41
CA SER A 303 14.86 -0.59 29.44
C SER A 303 14.48 -1.96 28.86
N ALA A 304 13.72 -1.95 27.77
CA ALA A 304 13.29 -3.19 27.13
C ALA A 304 14.47 -3.94 26.54
N ASP A 305 15.41 -3.22 25.94
CA ASP A 305 16.62 -3.81 25.38
C ASP A 305 17.49 -4.45 26.47
N ALA A 306 17.59 -3.80 27.62
CA ALA A 306 18.32 -4.34 28.77
C ALA A 306 17.76 -5.70 29.18
N TYR A 307 16.44 -5.79 29.30
CA TYR A 307 15.75 -7.05 29.59
C TYR A 307 15.96 -8.10 28.48
N LEU A 308 15.69 -7.70 27.24
CA LEU A 308 15.79 -8.65 26.13
C LEU A 308 17.23 -9.12 25.93
N ASN A 309 18.19 -8.25 26.19
CA ASN A 309 19.60 -8.67 26.17
C ASN A 309 19.91 -9.81 27.14
N ARG A 310 19.30 -9.81 28.32
CA ARG A 310 19.52 -10.88 29.28
C ARG A 310 18.85 -12.17 28.82
N VAL A 311 17.62 -12.06 28.32
CA VAL A 311 16.90 -13.23 27.82
C VAL A 311 17.61 -13.83 26.60
N PHE A 312 18.09 -12.95 25.72
CA PHE A 312 18.80 -13.38 24.53
C PHE A 312 20.14 -14.03 24.90
N ASP A 313 20.85 -13.44 25.85
CA ASP A 313 22.10 -14.06 26.35
C ASP A 313 21.83 -15.48 26.86
N TYR A 314 20.72 -15.66 27.58
CA TYR A 314 20.35 -16.99 28.07
C TYR A 314 20.03 -17.94 26.91
N LEU A 315 19.28 -17.45 25.93
CA LEU A 315 19.03 -18.22 24.71
C LEU A 315 20.33 -18.63 24.04
N MET A 316 21.25 -17.68 23.89
CA MET A 316 22.47 -17.93 23.14
C MET A 316 23.39 -18.95 23.81
N VAL A 317 23.63 -18.80 25.12
CA VAL A 317 24.46 -19.80 25.85
C VAL A 317 23.84 -21.21 25.81
N SER A 318 22.51 -21.26 25.83
CA SER A 318 21.77 -22.50 25.80
C SER A 318 21.94 -23.17 24.43
N LEU A 319 21.75 -22.39 23.36
CA LEU A 319 21.94 -22.89 21.99
C LEU A 319 23.37 -23.36 21.78
N ARG A 320 24.32 -22.57 22.28
CA ARG A 320 25.73 -22.93 22.18
C ARG A 320 26.09 -24.19 22.97
N SER A 321 25.26 -24.59 23.92
CA SER A 321 25.51 -25.82 24.70
C SER A 321 24.98 -27.08 24.02
N LEU A 322 24.19 -26.91 22.96
CA LEU A 322 23.66 -28.06 22.22
C LEU A 322 24.59 -28.33 21.05
N PRO A 323 25.27 -29.49 21.06
CA PRO A 323 26.24 -29.80 20.01
C PRO A 323 25.69 -29.87 18.59
N LEU A 324 24.43 -30.27 18.42
CA LEU A 324 23.82 -30.30 17.06
C LEU A 324 23.51 -28.90 16.51
N VAL A 325 23.33 -27.91 17.39
CA VAL A 325 22.93 -26.57 16.98
C VAL A 325 24.17 -25.80 16.51
N MET A 326 24.11 -25.25 15.31
CA MET A 326 25.23 -24.53 14.74
C MET A 326 24.77 -23.10 14.48
N LEU A 327 25.18 -22.16 15.34
CA LEU A 327 24.80 -20.76 15.16
C LEU A 327 25.54 -20.19 13.95
N ILE A 328 24.88 -19.28 13.25
CA ILE A 328 25.47 -18.68 12.05
C ILE A 328 25.88 -17.25 12.38
N GLY A 329 27.18 -16.98 12.22
CA GLY A 329 27.73 -15.68 12.57
C GLY A 329 28.02 -15.54 14.05
N ARG A 330 28.67 -14.43 14.39
CA ARG A 330 29.09 -14.13 15.75
C ARG A 330 29.41 -12.61 15.81
N PRO A 331 28.37 -11.76 15.77
CA PRO A 331 28.61 -10.31 15.65
C PRO A 331 29.02 -9.66 16.98
N GLU A 332 29.75 -8.55 16.90
CA GLU A 332 30.15 -7.81 18.11
C GLU A 332 28.93 -7.20 18.81
N ALA A 333 27.95 -6.77 18.03
CA ALA A 333 26.71 -6.24 18.57
C ALA A 333 25.56 -6.92 17.83
N GLN A 334 24.49 -7.26 18.57
CA GLN A 334 23.41 -8.09 18.03
C GLN A 334 22.04 -7.67 18.59
N ILE A 335 21.06 -7.46 17.72
CA ILE A 335 19.65 -7.44 18.13
C ILE A 335 19.25 -8.88 18.50
N PRO A 336 18.12 -9.06 19.22
CA PRO A 336 17.77 -10.40 19.68
C PRO A 336 17.16 -11.31 18.61
N VAL A 337 17.93 -11.52 17.54
CA VAL A 337 17.56 -12.36 16.42
C VAL A 337 18.79 -13.22 16.14
N VAL A 338 18.55 -14.51 15.91
CA VAL A 338 19.63 -15.46 15.61
C VAL A 338 19.16 -16.50 14.60
N SER A 339 20.06 -16.89 13.70
CA SER A 339 19.80 -18.02 12.81
C SER A 339 20.79 -19.16 13.10
N PHE A 340 20.30 -20.39 12.97
CA PHE A 340 21.12 -21.56 13.25
C PHE A 340 20.70 -22.71 12.34
N ALA A 341 21.65 -23.59 12.04
CA ALA A 341 21.35 -24.84 11.38
C ALA A 341 21.45 -25.94 12.43
N VAL A 342 20.73 -27.04 12.21
CA VAL A 342 20.87 -28.20 13.08
C VAL A 342 21.59 -29.30 12.30
N HIS A 343 22.65 -29.83 12.90
CA HIS A 343 23.52 -30.80 12.25
C HIS A 343 22.72 -31.94 11.66
N LYS A 344 22.70 -31.97 10.32
CA LYS A 344 22.08 -33.05 9.53
C LYS A 344 20.57 -33.18 9.78
N VAL A 345 19.94 -32.07 10.15
CA VAL A 345 18.50 -31.97 10.29
C VAL A 345 18.03 -30.76 9.47
N PRO A 346 17.22 -30.99 8.41
CA PRO A 346 16.74 -29.84 7.62
C PRO A 346 15.88 -28.89 8.46
N ALA A 347 15.93 -27.61 8.12
CA ALA A 347 15.17 -26.57 8.81
C ALA A 347 13.67 -26.84 8.91
N ASP A 348 13.07 -27.39 7.86
CA ASP A 348 11.64 -27.77 7.89
C ASP A 348 11.32 -28.75 9.03
N ARG A 349 12.19 -29.74 9.23
CA ARG A 349 12.00 -30.71 10.32
C ARG A 349 12.15 -30.06 11.71
N VAL A 350 13.10 -29.12 11.82
CA VAL A 350 13.30 -28.40 13.07
C VAL A 350 12.05 -27.58 13.40
N VAL A 351 11.56 -26.82 12.42
CA VAL A 351 10.40 -25.96 12.61
C VAL A 351 9.13 -26.78 12.94
N GLN A 352 8.97 -27.95 12.33
CA GLN A 352 7.84 -28.84 12.66
C GLN A 352 7.92 -29.41 14.08
N ARG A 353 9.12 -29.85 14.50
CA ARG A 353 9.31 -30.34 15.87
C ARG A 353 8.95 -29.25 16.88
N LEU A 354 9.35 -28.02 16.56
CA LEU A 354 9.06 -26.90 17.42
C LEU A 354 7.55 -26.69 17.50
N ALA A 355 6.89 -26.67 16.35
CA ALA A 355 5.44 -26.45 16.26
C ALA A 355 4.64 -27.51 17.03
N ASP A 356 5.16 -28.74 17.02
CA ASP A 356 4.56 -29.87 17.75
C ASP A 356 4.59 -29.66 19.27
N ASN A 357 5.51 -28.83 19.73
CA ASN A 357 5.62 -28.44 21.11
C ASN A 357 5.06 -27.05 21.34
N GLY A 358 4.30 -26.56 20.35
CA GLY A 358 3.66 -25.27 20.43
C GLY A 358 4.61 -24.08 20.33
N ILE A 359 5.77 -24.29 19.70
CA ILE A 359 6.78 -23.23 19.55
C ILE A 359 6.86 -22.80 18.08
N LEU A 360 6.85 -21.49 17.85
CA LEU A 360 6.82 -20.92 16.50
C LEU A 360 8.18 -20.29 16.18
N ALA A 361 8.83 -20.84 15.17
CA ALA A 361 10.08 -20.29 14.66
C ALA A 361 9.96 -20.27 13.15
N ILE A 362 10.97 -19.75 12.46
CA ILE A 362 10.89 -19.53 11.02
C ILE A 362 11.88 -20.41 10.28
N ALA A 363 11.41 -21.08 9.22
CA ALA A 363 12.31 -21.74 8.28
C ALA A 363 12.72 -20.64 7.32
N ASN A 364 13.95 -20.13 7.50
CA ASN A 364 14.36 -18.93 6.81
C ASN A 364 14.40 -19.13 5.29
N THR A 365 13.73 -18.24 4.57
CA THR A 365 13.72 -18.38 3.11
C THR A 365 14.11 -17.07 2.48
N GLY A 366 14.91 -17.14 1.42
CA GLY A 366 15.18 -15.98 0.60
C GLY A 366 16.27 -15.05 1.11
N SER A 367 17.14 -15.54 1.98
CA SER A 367 18.22 -14.72 2.52
C SER A 367 19.46 -14.76 1.64
N ARG A 368 19.91 -13.61 1.12
CA ARG A 368 21.15 -13.57 0.35
C ARG A 368 22.38 -13.93 1.17
N VAL A 369 22.38 -13.56 2.44
CA VAL A 369 23.56 -13.91 3.25
C VAL A 369 23.64 -15.41 3.53
N LEU A 370 22.51 -16.03 3.82
CA LEU A 370 22.52 -17.49 4.09
C LEU A 370 22.88 -18.24 2.80
N ASP A 371 22.43 -17.74 1.66
CA ASP A 371 22.85 -18.32 0.38
C ASP A 371 24.38 -18.24 0.22
N VAL A 372 24.93 -17.03 0.36
CA VAL A 372 26.35 -16.81 0.13
C VAL A 372 27.24 -17.60 1.10
N LEU A 373 26.75 -17.81 2.32
CA LEU A 373 27.49 -18.58 3.34
C LEU A 373 27.44 -20.10 3.12
N GLY A 374 26.55 -20.55 2.24
CA GLY A 374 26.46 -21.98 1.93
C GLY A 374 25.48 -22.75 2.81
N VAL A 375 24.84 -22.04 3.74
CA VAL A 375 23.89 -22.63 4.70
C VAL A 375 22.68 -23.25 4.01
N ASN A 376 22.28 -22.66 2.90
CA ASN A 376 21.08 -23.09 2.18
C ASN A 376 21.35 -24.15 1.12
N ASP A 377 22.62 -24.52 0.93
CA ASP A 377 22.95 -25.51 -0.11
C ASP A 377 22.17 -26.82 0.13
N VAL A 378 22.18 -27.28 1.38
CA VAL A 378 21.38 -28.42 1.82
C VAL A 378 20.71 -28.08 3.14
N GLY A 379 19.40 -28.27 3.25
CA GLY A 379 18.77 -28.25 4.58
C GLY A 379 18.29 -26.90 5.10
N GLY A 380 19.11 -25.85 4.96
CA GLY A 380 18.70 -24.49 5.34
C GLY A 380 18.79 -24.20 6.82
N ALA A 381 18.26 -23.06 7.25
CA ALA A 381 18.44 -22.59 8.62
C ALA A 381 17.13 -22.20 9.24
N VAL A 382 17.14 -22.09 10.56
CA VAL A 382 15.99 -21.67 11.33
C VAL A 382 16.33 -20.31 11.92
N THR A 383 15.36 -19.40 11.93
CA THR A 383 15.51 -18.09 12.52
C THR A 383 14.54 -17.97 13.69
N VAL A 384 15.06 -17.50 14.81
CA VAL A 384 14.24 -17.13 15.96
C VAL A 384 14.55 -15.70 16.36
N GLY A 385 13.55 -15.02 16.92
CA GLY A 385 13.73 -13.66 17.38
C GLY A 385 12.86 -13.45 18.59
N LEU A 386 13.36 -12.67 19.53
CA LEU A 386 12.61 -12.31 20.72
C LEU A 386 11.70 -11.12 20.48
N ALA A 387 10.67 -11.04 21.28
CA ALA A 387 9.79 -9.90 21.28
C ALA A 387 9.73 -9.36 22.69
N HIS A 388 9.02 -8.24 22.87
CA HIS A 388 9.04 -7.57 24.18
C HIS A 388 8.34 -8.40 25.24
N TYR A 389 7.50 -9.33 24.80
CA TYR A 389 6.76 -10.25 25.68
C TYR A 389 7.50 -11.58 25.94
N SER A 390 8.72 -11.76 25.41
CA SER A 390 9.42 -13.04 25.53
C SER A 390 9.99 -13.24 26.93
N THR A 391 10.03 -14.50 27.36
CA THR A 391 10.46 -14.83 28.73
C THR A 391 11.54 -15.92 28.75
N MET A 392 12.24 -16.01 29.86
CA MET A 392 13.19 -17.09 30.11
C MET A 392 12.53 -18.47 30.03
N ALA A 393 11.33 -18.61 30.58
CA ALA A 393 10.61 -19.89 30.56
C ALA A 393 10.35 -20.36 29.12
N GLU A 394 10.01 -19.42 28.25
CA GLU A 394 9.83 -19.73 26.84
C GLU A 394 11.13 -20.19 26.19
N VAL A 395 12.25 -19.54 26.51
CA VAL A 395 13.55 -19.98 26.02
C VAL A 395 13.81 -21.44 26.43
N ASP A 396 13.57 -21.76 27.71
CA ASP A 396 13.70 -23.14 28.18
C ASP A 396 12.90 -24.13 27.33
N GLN A 397 11.66 -23.76 26.97
CA GLN A 397 10.81 -24.60 26.13
C GLN A 397 11.42 -24.81 24.75
N LEU A 398 11.95 -23.74 24.16
CA LEU A 398 12.64 -23.83 22.88
C LEU A 398 13.85 -24.76 22.99
N VAL A 399 14.68 -24.53 24.00
CA VAL A 399 15.90 -25.32 24.18
C VAL A 399 15.58 -26.80 24.32
N ARG A 400 14.55 -27.13 25.12
CA ARG A 400 14.17 -28.53 25.34
C ARG A 400 13.71 -29.21 24.06
N ALA A 401 12.96 -28.47 23.25
CA ALA A 401 12.45 -29.00 21.99
C ALA A 401 13.60 -29.24 21.00
N LEU A 402 14.56 -28.31 20.96
CA LEU A 402 15.75 -28.50 20.13
C LEU A 402 16.62 -29.65 20.62
N ALA A 403 16.71 -29.81 21.94
CA ALA A 403 17.48 -30.90 22.57
C ALA A 403 16.96 -32.28 22.18
N SER A 404 15.68 -32.34 21.83
CA SER A 404 15.03 -33.60 21.44
C SER A 404 15.39 -34.10 20.05
N LEU A 405 16.05 -33.27 19.26
CA LEU A 405 16.46 -33.63 17.91
C LEU A 405 17.78 -34.42 17.95
N GLY A 406 18.01 -35.22 16.91
CA GLY A 406 19.21 -36.08 16.80
C GLY A 406 19.00 -37.44 17.44
N TYR B 11 -35.57 -3.42 -5.90
CA TYR B 11 -34.51 -2.71 -5.11
C TYR B 11 -35.11 -1.94 -3.94
N ASP B 12 -34.55 -2.13 -2.75
CA ASP B 12 -35.11 -1.55 -1.54
C ASP B 12 -34.06 -0.63 -0.94
N VAL B 13 -34.15 0.67 -1.25
CA VAL B 13 -33.13 1.62 -0.80
C VAL B 13 -33.16 1.77 0.73
N ALA B 14 -34.36 1.64 1.32
CA ALA B 14 -34.48 1.75 2.77
C ALA B 14 -33.63 0.67 3.45
N ARG B 15 -33.67 -0.54 2.90
CA ARG B 15 -32.88 -1.63 3.44
C ARG B 15 -31.37 -1.35 3.34
N VAL B 16 -30.95 -0.86 2.18
CA VAL B 16 -29.53 -0.54 1.94
C VAL B 16 -29.07 0.57 2.90
N ARG B 17 -29.91 1.59 3.09
CA ARG B 17 -29.59 2.64 4.08
C ARG B 17 -29.40 2.08 5.50
N GLY B 18 -30.18 1.06 5.83
CA GLY B 18 -30.04 0.32 7.08
C GLY B 18 -28.67 -0.34 7.25
N LEU B 19 -27.97 -0.56 6.14
CA LEU B 19 -26.62 -1.15 6.19
C LEU B 19 -25.52 -0.14 6.52
N HIS B 20 -25.88 1.14 6.62
CA HIS B 20 -24.93 2.23 6.71
C HIS B 20 -25.14 3.07 7.96
N PRO B 21 -24.41 2.75 9.05
CA PRO B 21 -24.55 3.48 10.32
C PRO B 21 -24.11 4.92 10.19
N SER B 22 -23.26 5.24 9.20
CA SER B 22 -22.78 6.61 9.06
C SER B 22 -23.80 7.56 8.42
N LEU B 23 -24.92 7.04 7.92
CA LEU B 23 -26.02 7.87 7.39
C LEU B 23 -26.91 8.46 8.47
N GLY B 24 -27.61 9.55 8.14
CA GLY B 24 -28.50 10.23 9.09
C GLY B 24 -27.75 10.97 10.20
N ASP B 25 -26.51 11.32 9.93
CA ASP B 25 -25.66 11.97 10.89
C ASP B 25 -25.65 13.51 10.73
N GLY B 26 -26.57 14.04 9.94
CA GLY B 26 -26.63 15.49 9.70
C GLY B 26 -26.09 15.92 8.34
N TRP B 27 -25.53 14.97 7.60
CA TRP B 27 -24.97 15.22 6.27
C TRP B 27 -25.66 14.43 5.17
N VAL B 28 -25.86 15.10 4.05
CA VAL B 28 -26.38 14.46 2.85
C VAL B 28 -25.22 14.29 1.88
N HIS B 29 -24.95 13.04 1.51
CA HIS B 29 -23.73 12.71 0.76
C HIS B 29 -23.96 12.68 -0.74
N PHE B 30 -23.43 13.68 -1.43
CA PHE B 30 -23.29 13.61 -2.88
C PHE B 30 -21.82 13.55 -3.30
N ASP B 31 -20.98 13.10 -2.38
CA ASP B 31 -19.53 13.02 -2.62
C ASP B 31 -19.03 11.60 -2.96
N ALA B 32 -19.94 10.72 -3.37
CA ALA B 32 -19.55 9.36 -3.82
C ALA B 32 -18.28 9.25 -4.68
N PRO B 33 -18.08 10.17 -5.66
CA PRO B 33 -16.87 10.01 -6.50
C PRO B 33 -15.54 10.04 -5.73
N ALA B 34 -15.54 10.64 -4.54
CA ALA B 34 -14.39 10.62 -3.65
C ALA B 34 -14.27 9.33 -2.82
N GLY B 35 -15.30 8.48 -2.88
CA GLY B 35 -15.38 7.26 -2.08
C GLY B 35 -16.71 7.20 -1.33
N MET B 36 -17.40 6.08 -1.47
CA MET B 36 -18.71 5.91 -0.81
C MET B 36 -18.54 5.55 0.66
N LEU B 37 -19.64 5.63 1.42
CA LEU B 37 -19.61 5.30 2.85
C LEU B 37 -19.31 3.82 3.04
N ILE B 38 -18.68 3.50 4.18
CA ILE B 38 -18.31 2.12 4.51
C ILE B 38 -19.49 1.42 5.17
N PRO B 39 -20.01 0.35 4.55
CA PRO B 39 -21.12 -0.39 5.17
C PRO B 39 -20.65 -1.01 6.49
N ASP B 40 -21.57 -1.15 7.44
CA ASP B 40 -21.26 -1.79 8.71
C ASP B 40 -20.54 -3.12 8.53
N SER B 41 -21.02 -3.96 7.61
CA SER B 41 -20.43 -5.30 7.41
C SER B 41 -18.95 -5.25 7.00
N VAL B 42 -18.57 -4.23 6.25
CA VAL B 42 -17.16 -4.01 5.90
C VAL B 42 -16.35 -3.59 7.12
N ALA B 43 -16.86 -2.60 7.87
CA ALA B 43 -16.12 -2.09 9.04
C ALA B 43 -15.94 -3.19 10.08
N THR B 44 -16.99 -3.97 10.32
N THR B 44 -17.01 -3.94 10.31
CA THR B 44 -16.92 -5.04 11.31
CA THR B 44 -17.00 -5.05 11.25
C THR B 44 -15.96 -6.16 10.89
C THR B 44 -15.94 -6.09 10.87
N THR B 45 -15.95 -6.49 9.59
CA THR B 45 -15.01 -7.48 9.05
C THR B 45 -13.56 -7.02 9.22
N VAL B 46 -13.27 -5.77 8.88
CA VAL B 46 -11.89 -5.26 9.03
C VAL B 46 -11.47 -5.29 10.50
N SER B 47 -12.38 -4.90 11.40
N SER B 47 -12.38 -4.89 11.39
CA SER B 47 -12.10 -4.88 12.83
CA SER B 47 -12.12 -4.89 12.83
C SER B 47 -11.66 -6.26 13.33
C SER B 47 -11.66 -6.27 13.30
N THR B 48 -12.41 -7.29 12.97
N THR B 48 -12.45 -7.29 12.98
CA THR B 48 -12.11 -8.63 13.47
CA THR B 48 -12.16 -8.65 13.42
C THR B 48 -10.92 -9.29 12.73
C THR B 48 -10.91 -9.21 12.75
N ALA B 49 -10.84 -9.07 11.42
CA ALA B 49 -9.74 -9.61 10.63
C ALA B 49 -8.38 -9.01 10.98
N PHE B 50 -8.34 -7.70 11.25
CA PHE B 50 -7.07 -7.08 11.61
C PHE B 50 -6.54 -7.68 12.91
N ARG B 51 -7.46 -7.89 13.84
CA ARG B 51 -7.15 -8.48 15.13
C ARG B 51 -6.69 -9.94 15.01
N ARG B 52 -7.34 -10.71 14.14
CA ARG B 52 -7.19 -12.18 14.13
C ARG B 52 -6.27 -12.74 13.04
N SER B 53 -5.80 -11.88 12.13
CA SER B 53 -4.96 -12.33 11.02
C SER B 53 -3.49 -12.33 11.41
N GLY B 54 -2.83 -13.46 11.14
CA GLY B 54 -1.40 -13.62 11.41
C GLY B 54 -0.53 -12.67 10.62
N ALA B 55 0.68 -12.46 11.15
CA ALA B 55 1.70 -11.65 10.51
C ALA B 55 1.93 -12.08 9.07
N SER B 56 1.87 -13.38 8.81
CA SER B 56 2.26 -13.96 7.52
C SER B 56 1.35 -15.14 7.20
N THR B 57 1.29 -15.52 5.93
CA THR B 57 0.54 -16.72 5.51
C THR B 57 1.30 -18.01 5.88
N VAL B 58 2.56 -17.85 6.28
CA VAL B 58 3.44 -18.97 6.64
C VAL B 58 3.48 -19.22 8.14
N GLY B 59 3.40 -20.48 8.54
CA GLY B 59 3.56 -20.87 9.96
C GLY B 59 2.46 -21.77 10.48
N ALA B 60 2.73 -22.38 11.64
CA ALA B 60 1.82 -23.38 12.21
C ALA B 60 0.66 -22.80 13.02
N HIS B 61 0.75 -21.53 13.41
CA HIS B 61 -0.31 -20.93 14.22
C HIS B 61 -1.58 -20.76 13.37
N PRO B 62 -2.75 -21.05 13.96
CA PRO B 62 -4.04 -20.83 13.27
C PRO B 62 -4.18 -19.48 12.58
N SER B 63 -3.57 -18.43 13.14
CA SER B 63 -3.70 -17.09 12.54
C SER B 63 -2.99 -17.02 11.20
N ALA B 64 -1.93 -17.84 11.01
CA ALA B 64 -1.26 -17.85 9.71
C ALA B 64 -2.18 -18.46 8.66
N ARG B 65 -2.93 -19.50 9.02
CA ARG B 65 -3.83 -20.13 8.07
C ARG B 65 -5.02 -19.21 7.77
N ARG B 66 -5.46 -18.46 8.77
CA ARG B 66 -6.48 -17.44 8.55
C ARG B 66 -6.03 -16.39 7.53
N SER B 67 -4.78 -15.91 7.69
CA SER B 67 -4.22 -14.97 6.72
C SER B 67 -4.16 -15.56 5.30
N ALA B 68 -3.64 -16.77 5.18
CA ALA B 68 -3.61 -17.49 3.89
C ALA B 68 -5.02 -17.57 3.29
N ALA B 69 -6.00 -17.90 4.13
CA ALA B 69 -7.40 -18.02 3.70
C ALA B 69 -7.98 -16.69 3.21
N VAL B 70 -7.66 -15.61 3.92
CA VAL B 70 -8.12 -14.27 3.56
C VAL B 70 -7.55 -13.85 2.21
N LEU B 71 -6.27 -14.11 2.00
CA LEU B 71 -5.60 -13.75 0.75
C LEU B 71 -6.26 -14.43 -0.44
N ASP B 72 -6.49 -15.72 -0.32
CA ASP B 72 -7.13 -16.50 -1.38
C ASP B 72 -8.56 -15.98 -1.63
N ALA B 73 -9.33 -15.73 -0.56
CA ALA B 73 -10.70 -15.24 -0.66
C ALA B 73 -10.77 -13.89 -1.38
N ALA B 74 -9.78 -13.04 -1.14
CA ALA B 74 -9.73 -11.72 -1.75
C ALA B 74 -9.48 -11.83 -3.24
N ARG B 75 -8.55 -12.70 -3.64
CA ARG B 75 -8.33 -12.93 -5.08
C ARG B 75 -9.60 -13.47 -5.75
N GLU B 76 -10.29 -14.38 -5.08
CA GLU B 76 -11.51 -14.97 -5.64
C GLU B 76 -12.63 -13.94 -5.77
N ALA B 77 -12.77 -13.07 -4.77
CA ALA B 77 -13.81 -12.05 -4.76
C ALA B 77 -13.59 -11.03 -5.88
N VAL B 78 -12.36 -10.52 -6.01
CA VAL B 78 -12.05 -9.60 -7.09
C VAL B 78 -12.26 -10.26 -8.46
N ALA B 79 -11.84 -11.52 -8.57
CA ALA B 79 -12.01 -12.29 -9.80
C ALA B 79 -13.47 -12.38 -10.16
N ASP B 80 -14.33 -12.59 -9.16
CA ASP B 80 -15.78 -12.63 -9.40
C ASP B 80 -16.31 -11.29 -9.92
N LEU B 81 -15.77 -10.21 -9.36
CA LEU B 81 -16.23 -8.87 -9.71
C LEU B 81 -16.02 -8.56 -11.19
N VAL B 82 -14.91 -9.05 -11.76
CA VAL B 82 -14.59 -8.75 -13.16
C VAL B 82 -14.59 -9.98 -14.07
N ASN B 83 -15.12 -11.10 -13.57
CA ASN B 83 -15.23 -12.35 -14.32
C ASN B 83 -13.87 -12.87 -14.82
N ALA B 84 -12.88 -12.84 -13.93
CA ALA B 84 -11.54 -13.29 -14.25
C ALA B 84 -11.21 -14.57 -13.49
N ASP B 85 -9.95 -14.98 -13.54
CA ASP B 85 -9.45 -16.05 -12.69
C ASP B 85 -8.65 -15.45 -11.54
N PRO B 86 -8.77 -16.04 -10.32
CA PRO B 86 -7.98 -15.56 -9.16
C PRO B 86 -6.48 -15.52 -9.41
N GLY B 87 -5.97 -16.40 -10.28
CA GLY B 87 -4.55 -16.44 -10.63
C GLY B 87 -4.07 -15.21 -11.36
N GLY B 88 -5.01 -14.37 -11.81
CA GLY B 88 -4.67 -13.14 -12.49
C GLY B 88 -4.87 -11.89 -11.65
N VAL B 89 -5.18 -12.06 -10.36
CA VAL B 89 -5.52 -10.93 -9.49
C VAL B 89 -4.34 -10.50 -8.62
N VAL B 90 -3.83 -9.30 -8.89
CA VAL B 90 -2.74 -8.68 -8.13
C VAL B 90 -3.36 -7.66 -7.19
N LEU B 91 -2.98 -7.77 -5.92
CA LEU B 91 -3.55 -6.91 -4.87
C LEU B 91 -2.51 -5.95 -4.33
N GLY B 92 -2.92 -4.70 -4.11
CA GLY B 92 -2.03 -3.69 -3.56
C GLY B 92 -2.80 -2.60 -2.83
N ALA B 93 -2.10 -1.53 -2.48
CA ALA B 93 -2.66 -0.51 -1.62
C ALA B 93 -3.69 0.35 -2.33
N ASP B 94 -3.53 0.50 -3.64
CA ASP B 94 -4.38 1.41 -4.39
C ASP B 94 -4.13 1.15 -5.84
N ARG B 95 -5.13 1.43 -6.66
N ARG B 95 -5.12 1.44 -6.67
CA ARG B 95 -5.00 1.34 -8.11
CA ARG B 95 -4.93 1.27 -8.11
C ARG B 95 -3.84 2.22 -8.62
C ARG B 95 -3.81 2.20 -8.63
N ALA B 96 -3.64 3.37 -8.00
CA ALA B 96 -2.58 4.30 -8.42
C ALA B 96 -1.19 3.70 -8.23
N VAL B 97 -1.01 2.98 -7.14
CA VAL B 97 0.25 2.29 -6.83
C VAL B 97 0.46 1.15 -7.81
N LEU B 98 -0.61 0.41 -8.09
CA LEU B 98 -0.52 -0.72 -9.02
C LEU B 98 -0.23 -0.27 -10.45
N LEU B 99 -0.86 0.81 -10.89
CA LEU B 99 -0.57 1.37 -12.21
C LEU B 99 0.87 1.90 -12.34
N SER B 100 1.35 2.51 -11.26
CA SER B 100 2.75 2.95 -11.19
C SER B 100 3.69 1.74 -11.32
N LEU B 101 3.41 0.68 -10.57
CA LEU B 101 4.17 -0.57 -10.65
C LEU B 101 4.14 -1.14 -12.09
N LEU B 102 2.96 -1.14 -12.71
CA LEU B 102 2.81 -1.63 -14.08
C LEU B 102 3.64 -0.81 -15.08
N ALA B 103 3.59 0.52 -14.94
CA ALA B 103 4.32 1.42 -15.82
C ALA B 103 5.83 1.20 -15.72
N GLU B 104 6.34 1.04 -14.49
CA GLU B 104 7.75 0.70 -14.26
C GLU B 104 8.09 -0.68 -14.83
N ALA B 105 7.23 -1.67 -14.61
CA ALA B 105 7.47 -3.02 -15.15
C ALA B 105 7.46 -3.04 -16.68
N SER B 106 6.83 -2.02 -17.27
CA SER B 106 6.68 -1.87 -18.71
C SER B 106 7.64 -0.83 -19.29
N SER B 107 8.75 -0.59 -18.59
CA SER B 107 9.72 0.42 -19.03
C SER B 107 10.18 0.22 -20.48
N SER B 108 10.30 -1.04 -20.92
CA SER B 108 10.75 -1.32 -22.28
C SER B 108 9.75 -0.82 -23.32
N ARG B 109 8.47 -0.88 -22.98
CA ARG B 109 7.39 -0.43 -23.86
C ARG B 109 7.29 1.09 -23.96
N ALA B 110 7.93 1.76 -23.00
CA ALA B 110 7.96 3.22 -22.94
C ALA B 110 9.31 3.75 -23.40
N GLY B 111 10.03 2.93 -24.19
CA GLY B 111 11.40 3.25 -24.61
C GLY B 111 11.46 4.02 -25.92
N LEU B 112 12.68 4.35 -26.33
CA LEU B 112 12.89 5.12 -27.55
C LEU B 112 12.28 4.41 -28.76
N GLY B 113 11.57 5.17 -29.58
CA GLY B 113 10.95 4.63 -30.79
C GLY B 113 9.51 4.19 -30.62
N TYR B 114 9.08 4.02 -29.36
CA TYR B 114 7.70 3.58 -29.11
C TYR B 114 6.77 4.73 -28.78
N GLU B 115 5.47 4.44 -28.76
CA GLU B 115 4.47 5.41 -28.37
C GLU B 115 3.57 4.85 -27.29
N VAL B 116 3.14 5.72 -26.38
CA VAL B 116 2.25 5.36 -25.30
C VAL B 116 1.04 6.27 -25.41
N ILE B 117 -0.15 5.69 -25.41
CA ILE B 117 -1.36 6.48 -25.47
C ILE B 117 -2.02 6.59 -24.11
N VAL B 118 -2.30 7.83 -23.72
CA VAL B 118 -3.05 8.11 -22.51
C VAL B 118 -4.30 8.92 -22.91
N SER B 119 -5.21 9.11 -21.96
CA SER B 119 -6.50 9.70 -22.23
C SER B 119 -6.70 11.01 -21.45
N ARG B 120 -7.17 12.05 -22.14
N ARG B 120 -7.19 12.04 -22.15
CA ARG B 120 -7.44 13.34 -21.50
CA ARG B 120 -7.47 13.34 -21.57
C ARG B 120 -8.58 13.21 -20.48
C ARG B 120 -8.66 13.28 -20.59
N LEU B 121 -9.42 12.20 -20.67
CA LEU B 121 -10.58 11.97 -19.81
C LEU B 121 -10.27 11.18 -18.52
N ASP B 122 -9.04 10.64 -18.42
CA ASP B 122 -8.71 9.75 -17.29
C ASP B 122 -8.40 10.47 -15.97
N ASP B 123 -8.48 9.72 -14.86
CA ASP B 123 -7.98 10.19 -13.56
C ASP B 123 -6.47 10.24 -13.68
N GLU B 124 -5.83 11.19 -13.00
CA GLU B 124 -4.35 11.28 -13.04
C GLU B 124 -3.66 9.97 -12.70
N ALA B 125 -4.29 9.14 -11.88
CA ALA B 125 -3.73 7.84 -11.50
C ALA B 125 -3.35 6.98 -12.70
N ASN B 126 -4.13 7.10 -13.78
CA ASN B 126 -3.90 6.32 -15.00
C ASN B 126 -3.37 7.20 -16.15
N ILE B 127 -2.74 8.33 -15.78
CA ILE B 127 -2.04 9.21 -16.73
C ILE B 127 -0.60 9.41 -16.26
N ALA B 128 -0.46 9.95 -15.04
CA ALA B 128 0.85 10.27 -14.46
C ALA B 128 1.95 9.20 -14.63
N PRO B 129 1.69 7.92 -14.27
CA PRO B 129 2.81 6.97 -14.36
C PRO B 129 3.27 6.66 -15.78
N TRP B 130 2.34 6.73 -16.73
CA TRP B 130 2.67 6.53 -18.15
C TRP B 130 3.48 7.72 -18.68
N LEU B 131 3.11 8.93 -18.28
CA LEU B 131 3.87 10.14 -18.63
C LEU B 131 5.26 10.10 -18.01
N ARG B 132 5.32 9.67 -16.76
CA ARG B 132 6.58 9.50 -16.06
C ARG B 132 7.47 8.48 -16.76
N ALA B 133 6.93 7.33 -17.12
CA ALA B 133 7.73 6.31 -17.82
C ALA B 133 8.26 6.84 -19.16
N ALA B 134 7.39 7.50 -19.92
CA ALA B 134 7.76 8.07 -21.21
C ALA B 134 8.87 9.11 -21.04
N HIS B 135 8.74 9.97 -20.04
CA HIS B 135 9.76 10.97 -19.72
C HIS B 135 11.11 10.33 -19.37
N ARG B 136 11.06 9.22 -18.63
CA ARG B 136 12.28 8.54 -18.18
C ARG B 136 12.94 7.71 -19.28
N TYR B 137 12.13 7.10 -20.14
CA TYR B 137 12.64 6.06 -21.04
C TYR B 137 12.64 6.42 -22.52
N GLY B 138 11.80 7.39 -22.90
CA GLY B 138 11.93 8.01 -24.21
C GLY B 138 10.78 7.88 -25.21
N ALA B 139 9.75 7.09 -24.88
CA ALA B 139 8.59 6.96 -25.78
C ALA B 139 7.88 8.31 -26.02
N LYS B 140 7.27 8.45 -27.19
CA LYS B 140 6.37 9.58 -27.47
C LYS B 140 5.00 9.36 -26.81
N VAL B 141 4.46 10.42 -26.22
CA VAL B 141 3.11 10.36 -25.66
C VAL B 141 2.11 10.88 -26.69
N LYS B 142 1.03 10.11 -26.87
CA LYS B 142 -0.09 10.54 -27.68
C LYS B 142 -1.33 10.57 -26.80
N TRP B 143 -2.21 11.54 -27.05
CA TRP B 143 -3.38 11.75 -26.22
C TRP B 143 -4.65 11.41 -26.98
N ALA B 144 -5.50 10.60 -26.36
CA ALA B 144 -6.88 10.47 -26.81
C ALA B 144 -7.63 11.68 -26.28
N GLU B 145 -8.29 12.40 -27.19
CA GLU B 145 -8.92 13.69 -26.85
C GLU B 145 -10.45 13.59 -26.76
N VAL B 146 -11.05 14.50 -26.00
CA VAL B 146 -12.50 14.54 -25.87
C VAL B 146 -13.11 15.52 -26.87
N ASP B 147 -14.39 15.32 -27.18
CA ASP B 147 -15.16 16.31 -27.95
C ASP B 147 -15.56 17.39 -26.95
N ILE B 148 -15.30 18.65 -27.31
CA ILE B 148 -15.47 19.80 -26.41
C ILE B 148 -16.93 20.04 -26.00
N GLU B 149 -17.86 19.73 -26.88
CA GLU B 149 -19.28 19.91 -26.56
C GLU B 149 -20.04 18.59 -26.34
N THR B 150 -19.41 17.68 -25.60
CA THR B 150 -20.01 16.40 -25.17
C THR B 150 -19.20 15.79 -24.01
N GLY B 151 -17.89 15.99 -24.05
CA GLY B 151 -16.98 15.44 -23.04
C GLY B 151 -16.59 13.99 -23.24
N GLU B 152 -17.05 13.38 -24.33
CA GLU B 152 -16.74 11.97 -24.60
C GLU B 152 -15.50 11.77 -25.44
N LEU B 153 -14.96 10.55 -25.39
CA LEU B 153 -13.83 10.13 -26.20
C LEU B 153 -14.38 9.49 -27.47
N PRO B 154 -14.41 10.25 -28.58
CA PRO B 154 -15.04 9.73 -29.80
C PRO B 154 -14.33 8.51 -30.37
N THR B 155 -15.10 7.50 -30.75
CA THR B 155 -14.55 6.23 -31.26
C THR B 155 -13.75 6.37 -32.56
N TRP B 156 -14.06 7.39 -33.35
CA TRP B 156 -13.44 7.56 -34.67
C TRP B 156 -11.98 8.02 -34.65
N GLN B 157 -11.47 8.40 -33.47
CA GLN B 157 -10.11 8.94 -33.37
C GLN B 157 -9.03 7.86 -33.26
N TRP B 158 -9.44 6.67 -32.84
CA TRP B 158 -8.46 5.62 -32.49
C TRP B 158 -7.60 5.16 -33.66
N GLU B 159 -8.14 5.19 -34.88
CA GLU B 159 -7.39 4.73 -36.04
C GLU B 159 -6.17 5.61 -36.33
N SER B 160 -6.32 6.92 -36.17
CA SER B 160 -5.22 7.84 -36.41
C SER B 160 -4.19 7.84 -35.27
N LEU B 161 -4.65 7.59 -34.04
CA LEU B 161 -3.78 7.60 -32.85
C LEU B 161 -2.86 6.40 -32.78
N ILE B 162 -3.42 5.23 -33.07
CA ILE B 162 -2.70 3.97 -32.97
C ILE B 162 -1.83 3.77 -34.20
N SER B 163 -0.57 3.42 -33.96
CA SER B 163 0.38 3.13 -35.02
C SER B 163 1.10 1.84 -34.71
N LYS B 164 1.93 1.39 -35.64
CA LYS B 164 2.74 0.19 -35.41
C LYS B 164 3.73 0.37 -34.25
N SER B 165 3.94 1.63 -33.84
CA SER B 165 4.84 1.96 -32.71
C SER B 165 4.15 1.94 -31.36
N THR B 166 2.82 1.86 -31.37
CA THR B 166 2.05 1.90 -30.13
C THR B 166 2.34 0.65 -29.30
N ARG B 167 2.70 0.83 -28.03
CA ARG B 167 3.01 -0.33 -27.18
C ARG B 167 2.11 -0.44 -25.96
N LEU B 168 1.56 0.70 -25.53
CA LEU B 168 0.76 0.77 -24.32
C LEU B 168 -0.37 1.76 -24.55
N VAL B 169 -1.60 1.34 -24.22
CA VAL B 169 -2.75 2.25 -24.22
C VAL B 169 -3.44 2.19 -22.86
N ALA B 170 -3.55 3.34 -22.20
CA ALA B 170 -4.16 3.43 -20.87
C ALA B 170 -5.42 4.27 -20.99
N VAL B 171 -6.56 3.69 -20.64
CA VAL B 171 -7.83 4.40 -20.76
C VAL B 171 -8.77 4.01 -19.62
N ASN B 172 -9.78 4.83 -19.36
CA ASN B 172 -10.78 4.50 -18.36
C ASN B 172 -12.05 3.94 -18.99
N SER B 173 -12.80 3.15 -18.21
CA SER B 173 -14.06 2.60 -18.68
C SER B 173 -15.18 3.63 -18.55
N ALA B 174 -14.94 4.65 -17.72
CA ALA B 174 -15.92 5.72 -17.46
C ALA B 174 -15.21 6.84 -16.74
N SER B 175 -15.77 8.04 -16.82
CA SER B 175 -15.21 9.20 -16.12
C SER B 175 -15.89 9.44 -14.78
N GLY B 176 -15.09 9.52 -13.71
CA GLY B 176 -15.60 9.86 -12.38
C GLY B 176 -15.79 11.35 -12.18
N THR B 177 -15.62 12.11 -13.26
CA THR B 177 -15.86 13.55 -13.26
C THR B 177 -17.08 13.90 -14.14
N LEU B 178 -17.12 13.37 -15.36
CA LEU B 178 -18.21 13.69 -16.28
C LEU B 178 -19.27 12.61 -16.35
N GLY B 179 -18.93 11.42 -15.87
CA GLY B 179 -19.90 10.34 -15.77
C GLY B 179 -20.03 9.47 -17.01
N GLY B 180 -19.52 9.95 -18.14
CA GLY B 180 -19.62 9.22 -19.40
C GLY B 180 -18.92 7.87 -19.39
N VAL B 181 -19.60 6.85 -19.91
CA VAL B 181 -19.01 5.52 -20.07
C VAL B 181 -18.33 5.50 -21.45
N THR B 182 -17.05 5.12 -21.48
CA THR B 182 -16.29 5.14 -22.73
C THR B 182 -16.59 3.91 -23.60
N ASP B 183 -16.68 4.12 -24.91
CA ASP B 183 -16.84 3.02 -25.85
C ASP B 183 -15.45 2.55 -26.31
N LEU B 184 -15.04 1.38 -25.83
CA LEU B 184 -13.69 0.87 -26.07
C LEU B 184 -13.58 -0.27 -27.09
N ARG B 185 -14.73 -0.63 -27.69
CA ARG B 185 -14.81 -1.84 -28.51
C ARG B 185 -13.87 -1.78 -29.70
N ALA B 186 -13.98 -0.70 -30.47
CA ALA B 186 -13.12 -0.49 -31.65
C ALA B 186 -11.66 -0.34 -31.25
N MET B 187 -11.43 0.48 -30.23
CA MET B 187 -10.12 0.74 -29.66
C MET B 187 -9.39 -0.56 -29.36
N THR B 188 -10.06 -1.46 -28.64
CA THR B 188 -9.41 -2.70 -28.17
C THR B 188 -8.87 -3.56 -29.34
N LYS B 189 -9.71 -3.71 -30.37
CA LYS B 189 -9.32 -4.38 -31.62
C LYS B 189 -8.07 -3.79 -32.28
N LEU B 190 -8.08 -2.46 -32.47
CA LEU B 190 -6.96 -1.78 -33.10
C LEU B 190 -5.68 -1.95 -32.30
N VAL B 191 -5.78 -1.81 -30.98
CA VAL B 191 -4.60 -1.88 -30.12
C VAL B 191 -4.00 -3.29 -30.20
N HIS B 192 -4.86 -4.30 -30.13
CA HIS B 192 -4.43 -5.70 -30.22
C HIS B 192 -3.80 -6.02 -31.57
N ASP B 193 -4.30 -5.37 -32.61
CA ASP B 193 -3.79 -5.54 -33.97
C ASP B 193 -2.30 -5.24 -34.09
N VAL B 194 -1.81 -4.29 -33.30
CA VAL B 194 -0.38 -3.90 -33.32
C VAL B 194 0.46 -4.51 -32.19
N GLY B 195 -0.14 -5.35 -31.35
CA GLY B 195 0.55 -6.01 -30.24
C GLY B 195 0.79 -5.14 -29.00
N ALA B 196 -0.04 -4.10 -28.84
CA ALA B 196 0.07 -3.21 -27.71
C ALA B 196 -0.76 -3.73 -26.53
N LEU B 197 -0.40 -3.26 -25.35
CA LEU B 197 -1.12 -3.61 -24.12
C LEU B 197 -2.29 -2.66 -23.89
N VAL B 198 -3.46 -3.22 -23.56
CA VAL B 198 -4.65 -2.44 -23.25
C VAL B 198 -4.82 -2.44 -21.73
N VAL B 199 -4.72 -1.27 -21.12
CA VAL B 199 -4.90 -1.13 -19.67
C VAL B 199 -6.16 -0.32 -19.42
N VAL B 200 -7.13 -0.93 -18.75
CA VAL B 200 -8.40 -0.24 -18.52
C VAL B 200 -8.58 0.01 -17.03
N ASP B 201 -8.67 1.28 -16.66
CA ASP B 201 -8.97 1.65 -15.29
C ASP B 201 -10.50 1.66 -15.12
N HIS B 202 -11.01 0.67 -14.41
CA HIS B 202 -12.44 0.55 -14.15
C HIS B 202 -12.82 1.18 -12.80
N SER B 203 -11.91 1.90 -12.17
CA SER B 203 -12.13 2.36 -10.80
C SER B 203 -13.38 3.25 -10.60
N ALA B 204 -13.65 4.17 -11.52
CA ALA B 204 -14.76 5.11 -11.33
C ALA B 204 -16.14 4.44 -11.49
N ALA B 205 -16.20 3.45 -12.39
CA ALA B 205 -17.44 2.77 -12.75
C ALA B 205 -17.73 1.52 -11.92
N ALA B 206 -16.70 0.96 -11.28
CA ALA B 206 -16.83 -0.33 -10.59
C ALA B 206 -17.92 -0.38 -9.53
N PRO B 207 -18.23 0.75 -8.84
CA PRO B 207 -19.36 0.69 -7.91
C PRO B 207 -20.73 0.46 -8.57
N TYR B 208 -20.82 0.77 -9.86
CA TYR B 208 -22.11 0.85 -10.58
C TYR B 208 -22.29 -0.24 -11.64
N ARG B 209 -21.21 -0.58 -12.33
CA ARG B 209 -21.29 -1.45 -13.50
C ARG B 209 -20.28 -2.58 -13.42
N LEU B 210 -20.71 -3.78 -13.74
CA LEU B 210 -19.79 -4.91 -13.83
C LEU B 210 -19.04 -4.84 -15.16
N LEU B 211 -17.73 -5.02 -15.11
CA LEU B 211 -16.90 -5.15 -16.29
C LEU B 211 -16.61 -6.64 -16.45
N ASP B 212 -16.83 -7.17 -17.63
CA ASP B 212 -16.55 -8.58 -17.90
C ASP B 212 -15.26 -8.63 -18.70
N ILE B 213 -14.16 -8.97 -18.04
CA ILE B 213 -12.85 -8.95 -18.69
C ILE B 213 -12.76 -9.90 -19.90
N ARG B 214 -13.58 -10.95 -19.93
CA ARG B 214 -13.59 -11.91 -21.03
C ARG B 214 -14.26 -11.34 -22.28
N GLU B 215 -15.32 -10.56 -22.06
CA GLU B 215 -16.07 -9.90 -23.12
C GLU B 215 -15.38 -8.66 -23.67
N THR B 216 -14.81 -7.84 -22.79
CA THR B 216 -14.15 -6.58 -23.20
C THR B 216 -12.75 -6.77 -23.82
N ASP B 217 -12.07 -7.85 -23.46
CA ASP B 217 -10.74 -8.17 -23.99
C ASP B 217 -9.62 -7.22 -23.53
N ALA B 218 -9.86 -6.44 -22.48
CA ALA B 218 -8.79 -5.66 -21.87
C ALA B 218 -7.72 -6.64 -21.39
N ASP B 219 -6.45 -6.27 -21.52
CA ASP B 219 -5.36 -7.10 -20.99
C ASP B 219 -5.22 -6.93 -19.47
N VAL B 220 -5.43 -5.72 -19.00
CA VAL B 220 -5.31 -5.42 -17.57
C VAL B 220 -6.47 -4.50 -17.17
N VAL B 221 -7.14 -4.82 -16.06
CA VAL B 221 -8.19 -3.95 -15.51
C VAL B 221 -7.87 -3.61 -14.05
N THR B 222 -7.98 -2.34 -13.69
CA THR B 222 -7.79 -1.95 -12.29
C THR B 222 -9.10 -1.51 -11.64
N VAL B 223 -9.25 -1.84 -10.36
CA VAL B 223 -10.35 -1.34 -9.54
C VAL B 223 -9.80 -0.87 -8.20
N ASN B 224 -10.59 -0.07 -7.49
CA ASN B 224 -10.19 0.49 -6.19
C ASN B 224 -11.39 0.30 -5.25
N ALA B 225 -11.27 -0.61 -4.28
CA ALA B 225 -12.39 -0.96 -3.38
C ALA B 225 -12.95 0.21 -2.58
N HIS B 226 -12.07 1.17 -2.26
CA HIS B 226 -12.46 2.44 -1.63
C HIS B 226 -13.65 3.11 -2.36
N ALA B 227 -13.68 2.98 -3.69
CA ALA B 227 -14.76 3.60 -4.49
C ALA B 227 -16.17 3.16 -4.08
N TRP B 228 -16.35 1.88 -3.74
CA TRP B 228 -17.69 1.39 -3.32
C TRP B 228 -17.88 1.23 -1.79
N GLY B 229 -17.00 1.85 -1.01
CA GLY B 229 -17.08 1.77 0.46
C GLY B 229 -16.35 0.57 1.02
N GLY B 230 -15.53 -0.06 0.18
CA GLY B 230 -14.60 -1.07 0.66
C GLY B 230 -13.39 -0.40 1.29
N PRO B 231 -12.46 -1.20 1.82
CA PRO B 231 -11.22 -0.65 2.37
C PRO B 231 -10.33 -0.07 1.26
N PRO B 232 -9.33 0.74 1.63
CA PRO B 232 -8.40 1.28 0.63
C PRO B 232 -7.43 0.17 0.15
N ILE B 233 -7.92 -0.64 -0.79
CA ILE B 233 -7.14 -1.68 -1.44
C ILE B 233 -7.48 -1.62 -2.94
N GLY B 234 -6.45 -1.72 -3.77
CA GLY B 234 -6.67 -1.72 -5.20
C GLY B 234 -6.35 -3.11 -5.70
N ALA B 235 -6.84 -3.41 -6.89
CA ALA B 235 -6.53 -4.67 -7.54
C ALA B 235 -6.26 -4.42 -9.01
N MET B 236 -5.34 -5.20 -9.55
CA MET B 236 -4.96 -5.11 -10.95
C MET B 236 -5.09 -6.53 -11.48
N VAL B 237 -6.01 -6.70 -12.41
CA VAL B 237 -6.44 -8.03 -12.88
C VAL B 237 -5.99 -8.25 -14.31
N PHE B 238 -5.23 -9.33 -14.52
CA PHE B 238 -4.76 -9.70 -15.85
C PHE B 238 -5.72 -10.72 -16.44
N ARG B 239 -6.19 -10.43 -17.65
CA ARG B 239 -7.09 -11.35 -18.35
C ARG B 239 -6.42 -12.71 -18.59
N ASP B 240 -5.11 -12.66 -18.86
CA ASP B 240 -4.31 -13.84 -19.19
C ASP B 240 -3.13 -13.89 -18.21
N PRO B 241 -3.22 -14.76 -17.19
CA PRO B 241 -2.16 -14.84 -16.17
C PRO B 241 -0.76 -15.10 -16.73
N SER B 242 -0.66 -15.76 -17.88
CA SER B 242 0.60 -15.92 -18.61
C SER B 242 1.30 -14.58 -18.91
N VAL B 243 0.52 -13.55 -19.20
CA VAL B 243 1.06 -12.19 -19.42
C VAL B 243 1.87 -11.62 -18.22
N MET B 244 1.65 -12.15 -17.01
CA MET B 244 2.36 -11.68 -15.80
C MET B 244 3.82 -12.12 -15.74
N ASN B 245 4.13 -13.27 -16.31
CA ASN B 245 5.50 -13.76 -16.28
C ASN B 245 6.33 -13.10 -17.38
N SER B 246 5.67 -12.28 -18.20
CA SER B 246 6.37 -11.42 -19.15
C SER B 246 6.92 -10.22 -18.39
N PHE B 247 6.22 -9.83 -17.31
CA PHE B 247 6.65 -8.76 -16.41
C PHE B 247 7.68 -9.26 -15.38
N GLY B 248 8.82 -8.59 -15.32
CA GLY B 248 9.83 -8.81 -14.27
C GLY B 248 9.26 -8.76 -12.85
N SER B 249 9.69 -9.70 -12.01
CA SER B 249 9.17 -9.81 -10.64
C SER B 249 9.59 -8.61 -9.81
N VAL B 250 8.69 -8.13 -8.95
CA VAL B 250 9.05 -7.06 -8.00
C VAL B 250 8.96 -7.53 -6.54
N SER B 251 8.59 -8.79 -6.35
CA SER B 251 8.41 -9.36 -5.01
C SER B 251 9.75 -9.46 -4.27
N THR B 252 9.71 -9.30 -2.95
CA THR B 252 10.91 -9.49 -2.13
C THR B 252 11.15 -10.98 -1.85
N ASN B 253 10.21 -11.82 -2.30
CA ASN B 253 10.35 -13.26 -2.23
C ASN B 253 10.88 -13.78 -3.57
N PRO B 254 12.16 -14.19 -3.62
CA PRO B 254 12.76 -14.63 -4.87
C PRO B 254 12.12 -15.89 -5.47
N TYR B 255 11.35 -16.60 -4.65
CA TYR B 255 10.66 -17.83 -5.08
C TYR B 255 9.18 -17.64 -5.34
N ALA B 256 8.72 -16.40 -5.39
CA ALA B 256 7.31 -16.10 -5.61
C ALA B 256 6.81 -16.67 -6.93
N THR B 257 5.54 -17.10 -6.96
CA THR B 257 4.92 -17.52 -8.22
C THR B 257 3.55 -16.87 -8.34
N GLY B 258 3.01 -16.84 -9.55
CA GLY B 258 1.68 -16.26 -9.77
C GLY B 258 1.62 -14.79 -9.46
N PRO B 259 0.44 -14.29 -9.04
CA PRO B 259 0.32 -12.84 -8.85
C PRO B 259 1.18 -12.31 -7.71
N ALA B 260 1.62 -13.20 -6.82
CA ALA B 260 2.55 -12.84 -5.76
C ALA B 260 3.85 -12.21 -6.29
N ARG B 261 4.21 -12.52 -7.55
CA ARG B 261 5.41 -11.96 -8.18
C ARG B 261 5.33 -10.45 -8.33
N LEU B 262 4.10 -9.94 -8.41
CA LEU B 262 3.85 -8.51 -8.63
C LEU B 262 3.35 -7.81 -7.37
N GLU B 263 3.56 -8.47 -6.24
CA GLU B 263 3.14 -7.93 -4.97
C GLU B 263 4.35 -7.63 -4.11
N ILE B 264 4.49 -6.35 -3.74
CA ILE B 264 5.64 -5.86 -2.99
C ILE B 264 5.24 -5.58 -1.55
N GLY B 265 5.93 -6.18 -0.59
CA GLY B 265 5.64 -5.86 0.80
C GLY B 265 4.59 -6.75 1.42
N VAL B 266 4.37 -6.59 2.72
CA VAL B 266 3.50 -7.46 3.51
C VAL B 266 2.04 -7.27 3.07
N HIS B 267 1.31 -8.36 2.90
CA HIS B 267 -0.10 -8.22 2.56
C HIS B 267 -0.88 -7.67 3.73
N GLN B 268 -1.89 -6.86 3.44
CA GLN B 268 -2.62 -6.18 4.50
C GLN B 268 -3.90 -6.97 4.79
N PHE B 269 -3.75 -8.08 5.53
CA PHE B 269 -4.84 -9.09 5.63
C PHE B 269 -6.16 -8.55 6.17
N GLY B 270 -6.09 -7.67 7.16
CA GLY B 270 -7.30 -7.07 7.75
C GLY B 270 -8.08 -6.31 6.70
N LEU B 271 -7.37 -5.50 5.92
CA LEU B 271 -8.05 -4.79 4.83
C LEU B 271 -8.53 -5.76 3.75
N LEU B 272 -7.74 -6.79 3.45
CA LEU B 272 -8.16 -7.74 2.42
C LEU B 272 -9.47 -8.45 2.78
N ALA B 273 -9.63 -8.78 4.06
CA ALA B 273 -10.89 -9.38 4.52
C ALA B 273 -12.05 -8.42 4.24
N GLY B 274 -11.83 -7.13 4.45
CA GLY B 274 -12.83 -6.10 4.15
C GLY B 274 -13.15 -6.01 2.68
N VAL B 275 -12.17 -6.27 1.82
CA VAL B 275 -12.44 -6.28 0.38
C VAL B 275 -13.49 -7.37 0.06
N VAL B 276 -13.27 -8.56 0.59
CA VAL B 276 -14.21 -9.68 0.40
C VAL B 276 -15.62 -9.26 0.84
N ALA B 277 -15.72 -8.71 2.06
CA ALA B 277 -17.00 -8.28 2.60
C ALA B 277 -17.65 -7.18 1.74
N SER B 278 -16.84 -6.27 1.20
CA SER B 278 -17.39 -5.16 0.38
C SER B 278 -17.95 -5.68 -0.93
N ILE B 279 -17.32 -6.70 -1.49
CA ILE B 279 -17.81 -7.33 -2.73
C ILE B 279 -19.07 -8.15 -2.43
N GLU B 280 -19.13 -8.75 -1.24
CA GLU B 280 -20.35 -9.44 -0.80
C GLU B 280 -21.51 -8.45 -0.60
N TYR B 281 -21.18 -7.26 -0.11
CA TYR B 281 -22.14 -6.18 -0.02
C TYR B 281 -22.74 -5.83 -1.39
N LEU B 282 -21.90 -5.66 -2.40
CA LEU B 282 -22.36 -5.45 -3.78
C LEU B 282 -23.27 -6.58 -4.29
N ALA B 283 -22.86 -7.82 -3.99
CA ALA B 283 -23.56 -9.03 -4.42
C ALA B 283 -24.94 -9.12 -3.76
N ALA B 284 -25.09 -8.49 -2.60
CA ALA B 284 -26.31 -8.61 -1.79
C ALA B 284 -27.23 -7.39 -1.86
N LEU B 285 -26.93 -6.44 -2.74
CA LEU B 285 -27.76 -5.22 -2.87
C LEU B 285 -29.22 -5.51 -3.19
N ASP B 286 -29.44 -6.58 -3.95
CA ASP B 286 -30.77 -7.14 -4.14
C ASP B 286 -30.85 -8.35 -3.24
N GLU B 287 -31.66 -8.23 -2.19
CA GLU B 287 -31.85 -9.27 -1.20
C GLU B 287 -32.40 -10.58 -1.81
N SER B 288 -33.07 -10.47 -2.95
CA SER B 288 -33.66 -11.65 -3.61
C SER B 288 -32.68 -12.41 -4.52
N ALA B 289 -31.49 -11.84 -4.74
CA ALA B 289 -30.51 -12.42 -5.68
C ALA B 289 -30.06 -13.81 -5.25
N ARG B 290 -30.13 -14.76 -6.18
CA ARG B 290 -29.77 -16.14 -5.88
C ARG B 290 -28.70 -16.61 -6.85
N GLY B 291 -27.88 -17.54 -6.39
CA GLY B 291 -26.87 -18.18 -7.23
C GLY B 291 -25.44 -18.09 -6.70
N SER B 292 -24.49 -18.32 -7.59
CA SER B 292 -23.08 -18.08 -7.29
C SER B 292 -22.88 -16.58 -7.04
N ARG B 293 -21.73 -16.22 -6.48
CA ARG B 293 -21.43 -14.82 -6.25
C ARG B 293 -21.49 -14.01 -7.55
N ARG B 294 -20.93 -14.55 -8.63
CA ARG B 294 -20.98 -13.87 -9.94
C ARG B 294 -22.42 -13.63 -10.42
N GLU B 295 -23.27 -14.65 -10.26
CA GLU B 295 -24.68 -14.54 -10.64
C GLU B 295 -25.39 -13.49 -9.79
N ARG B 296 -25.08 -13.48 -8.51
CA ARG B 296 -25.72 -12.56 -7.57
C ARG B 296 -25.27 -11.13 -7.81
N LEU B 297 -23.98 -10.94 -8.12
CA LEU B 297 -23.48 -9.62 -8.51
C LEU B 297 -24.24 -9.08 -9.70
N ALA B 298 -24.46 -9.94 -10.71
CA ALA B 298 -25.18 -9.50 -11.92
C ALA B 298 -26.59 -9.00 -11.59
N VAL B 299 -27.34 -9.80 -10.85
CA VAL B 299 -28.72 -9.45 -10.47
C VAL B 299 -28.72 -8.17 -9.63
N SER B 300 -27.87 -8.15 -8.60
CA SER B 300 -27.84 -7.04 -7.66
C SER B 300 -27.42 -5.74 -8.31
N MET B 301 -26.38 -5.80 -9.14
CA MET B 301 -25.89 -4.60 -9.82
C MET B 301 -26.91 -4.06 -10.83
N GLN B 302 -27.64 -4.94 -11.52
CA GLN B 302 -28.70 -4.47 -12.41
C GLN B 302 -29.84 -3.80 -11.66
N SER B 303 -30.26 -4.41 -10.55
N SER B 303 -30.26 -4.40 -10.55
CA SER B 303 -31.33 -3.87 -9.72
CA SER B 303 -31.34 -3.85 -9.74
C SER B 303 -30.95 -2.48 -9.23
C SER B 303 -30.97 -2.48 -9.19
N ALA B 304 -29.74 -2.38 -8.68
CA ALA B 304 -29.21 -1.10 -8.19
C ALA B 304 -29.10 -0.07 -9.32
N ASP B 305 -28.69 -0.55 -10.50
CA ASP B 305 -28.58 0.31 -11.69
C ASP B 305 -29.92 0.91 -12.11
N ALA B 306 -30.95 0.07 -12.17
CA ALA B 306 -32.32 0.51 -12.46
C ALA B 306 -32.77 1.60 -11.50
N TYR B 307 -32.55 1.39 -10.21
CA TYR B 307 -32.96 2.34 -9.20
C TYR B 307 -32.19 3.64 -9.33
N LEU B 308 -30.87 3.55 -9.43
CA LEU B 308 -30.05 4.75 -9.56
C LEU B 308 -30.32 5.54 -10.84
N ASN B 309 -30.71 4.85 -11.91
CA ASN B 309 -31.12 5.49 -13.17
C ASN B 309 -32.29 6.45 -12.98
N ARG B 310 -33.28 6.00 -12.21
CA ARG B 310 -34.45 6.81 -11.87
C ARG B 310 -34.04 8.02 -11.04
N VAL B 311 -33.28 7.79 -9.97
CA VAL B 311 -32.84 8.87 -9.08
C VAL B 311 -32.00 9.89 -9.85
N PHE B 312 -31.09 9.38 -10.69
CA PHE B 312 -30.21 10.24 -11.47
C PHE B 312 -31.00 11.03 -12.50
N ASP B 313 -32.00 10.40 -13.12
CA ASP B 313 -32.83 11.14 -14.08
C ASP B 313 -33.49 12.34 -13.41
N TYR B 314 -33.99 12.14 -12.18
CA TYR B 314 -34.62 13.22 -11.41
C TYR B 314 -33.60 14.32 -11.11
N LEU B 315 -32.41 13.93 -10.69
CA LEU B 315 -31.33 14.89 -10.51
C LEU B 315 -31.07 15.70 -11.79
N MET B 316 -30.88 15.01 -12.91
CA MET B 316 -30.54 15.67 -14.17
C MET B 316 -31.65 16.60 -14.65
N VAL B 317 -32.90 16.15 -14.58
CA VAL B 317 -34.05 17.01 -14.92
C VAL B 317 -34.03 18.26 -14.01
N SER B 318 -33.75 18.06 -12.73
CA SER B 318 -33.74 19.16 -11.78
C SER B 318 -32.61 20.14 -12.09
N LEU B 319 -31.41 19.61 -12.35
CA LEU B 319 -30.25 20.46 -12.69
C LEU B 319 -30.46 21.29 -13.94
N ARG B 320 -31.03 20.66 -14.96
CA ARG B 320 -31.36 21.35 -16.21
C ARG B 320 -32.36 22.47 -15.97
N SER B 321 -33.22 22.30 -14.97
CA SER B 321 -34.27 23.28 -14.67
C SER B 321 -33.76 24.49 -13.89
N LEU B 322 -32.58 24.36 -13.28
CA LEU B 322 -32.00 25.47 -12.53
C LEU B 322 -31.37 26.44 -13.52
N PRO B 323 -31.82 27.72 -13.50
CA PRO B 323 -31.41 28.69 -14.51
C PRO B 323 -29.91 29.01 -14.52
N LEU B 324 -29.27 28.96 -13.36
CA LEU B 324 -27.85 29.35 -13.25
C LEU B 324 -26.86 28.19 -13.38
N VAL B 325 -27.39 26.96 -13.37
CA VAL B 325 -26.57 25.74 -13.46
C VAL B 325 -26.18 25.41 -14.89
N MET B 326 -24.88 25.19 -15.09
CA MET B 326 -24.33 24.87 -16.41
C MET B 326 -23.70 23.48 -16.35
N LEU B 327 -24.38 22.51 -16.95
CA LEU B 327 -23.90 21.13 -16.99
C LEU B 327 -22.69 20.99 -17.89
N ILE B 328 -21.68 20.28 -17.41
CA ILE B 328 -20.49 20.06 -18.21
C ILE B 328 -20.58 18.70 -18.91
N GLY B 329 -20.57 18.74 -20.24
CA GLY B 329 -20.67 17.54 -21.05
C GLY B 329 -22.08 16.96 -21.14
N ARG B 330 -22.25 16.00 -22.06
CA ARG B 330 -23.50 15.27 -22.20
C ARG B 330 -23.24 13.89 -22.81
N PRO B 331 -23.12 12.85 -21.96
CA PRO B 331 -22.79 11.51 -22.45
C PRO B 331 -23.99 10.66 -22.86
N GLU B 332 -23.76 9.75 -23.82
CA GLU B 332 -24.79 8.83 -24.31
C GLU B 332 -25.15 7.77 -23.26
N ALA B 333 -24.13 7.23 -22.59
CA ALA B 333 -24.34 6.28 -21.49
C ALA B 333 -23.61 6.81 -20.26
N GLN B 334 -24.14 6.52 -19.08
CA GLN B 334 -23.62 7.14 -17.88
C GLN B 334 -23.57 6.28 -16.64
N ILE B 335 -22.60 6.60 -15.79
CA ILE B 335 -22.72 6.31 -14.40
C ILE B 335 -23.34 7.56 -13.74
N PRO B 336 -23.92 7.40 -12.55
CA PRO B 336 -24.65 8.54 -11.96
C PRO B 336 -23.75 9.56 -11.28
N VAL B 337 -22.96 10.23 -12.09
CA VAL B 337 -21.98 11.23 -11.65
C VAL B 337 -22.10 12.38 -12.66
N VAL B 338 -22.14 13.61 -12.15
CA VAL B 338 -22.31 14.79 -13.00
C VAL B 338 -21.48 15.95 -12.46
N SER B 339 -20.93 16.74 -13.38
CA SER B 339 -20.20 17.93 -13.01
C SER B 339 -20.90 19.15 -13.60
N PHE B 340 -20.90 20.25 -12.86
CA PHE B 340 -21.57 21.46 -13.33
C PHE B 340 -20.88 22.68 -12.75
N ALA B 341 -21.13 23.85 -13.35
CA ALA B 341 -20.72 25.13 -12.79
C ALA B 341 -21.95 25.99 -12.61
N VAL B 342 -21.88 26.94 -11.70
CA VAL B 342 -22.98 27.85 -11.46
C VAL B 342 -22.55 29.24 -11.89
N HIS B 343 -23.37 29.88 -12.73
CA HIS B 343 -23.03 31.19 -13.31
C HIS B 343 -22.65 32.22 -12.24
N LYS B 344 -21.45 32.79 -12.40
CA LYS B 344 -20.89 33.78 -11.48
C LYS B 344 -20.78 33.34 -10.01
N VAL B 345 -20.80 32.02 -9.78
CA VAL B 345 -20.57 31.47 -8.45
C VAL B 345 -19.50 30.36 -8.57
N PRO B 346 -18.27 30.64 -8.12
CA PRO B 346 -17.18 29.68 -8.29
C PRO B 346 -17.44 28.41 -7.49
N ALA B 347 -16.92 27.29 -8.00
CA ALA B 347 -17.17 25.96 -7.42
C ALA B 347 -16.92 25.90 -5.91
N ASP B 348 -15.84 26.54 -5.44
CA ASP B 348 -15.51 26.50 -4.01
C ASP B 348 -16.59 27.14 -3.16
N ARG B 349 -17.20 28.22 -3.68
CA ARG B 349 -18.31 28.90 -3.00
C ARG B 349 -19.57 28.04 -3.02
N VAL B 350 -19.82 27.37 -4.14
CA VAL B 350 -20.97 26.47 -4.23
C VAL B 350 -20.85 25.36 -3.16
N VAL B 351 -19.67 24.75 -3.10
CA VAL B 351 -19.40 23.63 -2.19
C VAL B 351 -19.53 24.09 -0.74
N GLN B 352 -19.03 25.30 -0.45
CA GLN B 352 -19.14 25.87 0.90
C GLN B 352 -20.60 26.16 1.27
N ARG B 353 -21.35 26.77 0.34
CA ARG B 353 -22.80 27.00 0.53
C ARG B 353 -23.53 25.69 0.81
N LEU B 354 -23.20 24.65 0.03
CA LEU B 354 -23.84 23.34 0.22
C LEU B 354 -23.51 22.78 1.60
N ALA B 355 -22.23 22.91 1.98
CA ALA B 355 -21.76 22.47 3.28
C ALA B 355 -22.51 23.16 4.43
N ASP B 356 -22.77 24.46 4.27
CA ASP B 356 -23.61 25.22 5.20
C ASP B 356 -25.02 24.64 5.36
N ASN B 357 -25.55 24.01 4.31
CA ASN B 357 -26.86 23.37 4.32
C ASN B 357 -26.78 21.86 4.60
N GLY B 358 -25.61 21.40 5.06
CA GLY B 358 -25.38 20.00 5.41
C GLY B 358 -25.33 19.08 4.20
N ILE B 359 -24.88 19.61 3.07
CA ILE B 359 -24.80 18.81 1.86
C ILE B 359 -23.35 18.75 1.41
N LEU B 360 -22.89 17.54 1.12
CA LEU B 360 -21.49 17.33 0.73
C LEU B 360 -21.34 17.09 -0.77
N ALA B 361 -20.60 17.98 -1.43
CA ALA B 361 -20.29 17.81 -2.84
C ALA B 361 -18.79 18.05 -3.02
N ILE B 362 -18.27 17.86 -4.23
CA ILE B 362 -16.83 17.97 -4.45
C ILE B 362 -16.51 19.20 -5.30
N ALA B 363 -15.56 20.00 -4.81
CA ALA B 363 -14.94 21.06 -5.64
C ALA B 363 -13.81 20.38 -6.41
N ASN B 364 -14.11 20.05 -7.67
CA ASN B 364 -13.21 19.27 -8.50
C ASN B 364 -11.94 20.06 -8.79
N THR B 365 -10.79 19.55 -8.35
CA THR B 365 -9.56 20.35 -8.46
C THR B 365 -8.69 20.11 -9.69
N GLY B 366 -8.13 18.91 -9.82
CA GLY B 366 -7.07 18.67 -10.80
C GLY B 366 -7.45 17.68 -11.87
N SER B 367 -8.49 18.00 -12.62
CA SER B 367 -8.92 17.20 -13.76
C SER B 367 -8.42 17.84 -15.07
N ARG B 368 -7.78 17.05 -15.91
CA ARG B 368 -7.30 17.53 -17.22
C ARG B 368 -8.45 17.85 -18.17
N VAL B 369 -9.48 17.02 -18.16
CA VAL B 369 -10.65 17.26 -19.02
C VAL B 369 -11.35 18.58 -18.67
N LEU B 370 -11.39 18.93 -17.39
CA LEU B 370 -11.99 20.18 -16.98
C LEU B 370 -11.16 21.39 -17.43
N ASP B 371 -9.83 21.29 -17.34
CA ASP B 371 -8.92 22.26 -17.97
C ASP B 371 -9.26 22.46 -19.44
N VAL B 372 -9.25 21.35 -20.19
CA VAL B 372 -9.53 21.32 -21.63
C VAL B 372 -10.89 21.92 -22.03
N LEU B 373 -11.91 21.69 -21.21
CA LEU B 373 -13.24 22.22 -21.50
C LEU B 373 -13.37 23.70 -21.10
N GLY B 374 -12.28 24.26 -20.56
CA GLY B 374 -12.22 25.68 -20.18
C GLY B 374 -12.92 26.00 -18.87
N VAL B 375 -13.15 24.97 -18.05
CA VAL B 375 -13.94 25.11 -16.84
C VAL B 375 -13.14 25.68 -15.66
N ASN B 376 -11.91 25.17 -15.47
CA ASN B 376 -11.05 25.66 -14.39
C ASN B 376 -10.52 27.07 -14.66
N ASP B 377 -10.98 27.65 -15.77
CA ASP B 377 -10.61 29.01 -16.13
C ASP B 377 -11.69 30.02 -15.78
N VAL B 378 -12.93 29.55 -15.59
CA VAL B 378 -13.96 30.41 -14.99
C VAL B 378 -13.83 30.39 -13.47
N GLY B 379 -14.14 29.26 -12.84
CA GLY B 379 -14.01 29.11 -11.39
C GLY B 379 -14.06 27.67 -10.90
N GLY B 380 -13.93 26.72 -11.83
CA GLY B 380 -13.93 25.29 -11.52
C GLY B 380 -15.30 24.64 -11.69
N ALA B 381 -15.38 23.36 -11.35
CA ALA B 381 -16.64 22.63 -11.43
C ALA B 381 -16.99 22.01 -10.09
N VAL B 382 -18.29 21.79 -9.89
CA VAL B 382 -18.77 20.99 -8.76
C VAL B 382 -19.11 19.62 -9.30
N THR B 383 -18.66 18.58 -8.61
CA THR B 383 -18.97 17.20 -8.97
C THR B 383 -19.83 16.58 -7.88
N VAL B 384 -20.91 15.94 -8.31
CA VAL B 384 -21.76 15.16 -7.40
C VAL B 384 -21.94 13.76 -8.00
N GLY B 385 -22.12 12.78 -7.13
CA GLY B 385 -22.37 11.40 -7.58
C GLY B 385 -23.29 10.68 -6.62
N LEU B 386 -24.10 9.77 -7.16
CA LEU B 386 -24.99 8.97 -6.35
C LEU B 386 -24.27 7.74 -5.80
N ALA B 387 -24.74 7.27 -4.64
CA ALA B 387 -24.37 5.97 -4.10
C ALA B 387 -25.61 5.08 -3.98
N HIS B 388 -25.42 3.83 -3.56
CA HIS B 388 -26.52 2.87 -3.50
C HIS B 388 -27.57 3.21 -2.45
N TYR B 389 -27.19 4.07 -1.50
CA TYR B 389 -28.09 4.54 -0.45
C TYR B 389 -28.73 5.92 -0.75
N SER B 390 -28.48 6.46 -1.95
CA SER B 390 -29.00 7.80 -2.32
C SER B 390 -30.51 7.75 -2.60
N THR B 391 -31.21 8.82 -2.23
CA THR B 391 -32.67 8.82 -2.39
C THR B 391 -33.15 10.04 -3.15
N MET B 392 -34.41 9.99 -3.60
CA MET B 392 -35.06 11.13 -4.21
C MET B 392 -35.14 12.33 -3.26
N ALA B 393 -35.40 12.06 -1.97
CA ALA B 393 -35.53 13.16 -0.99
C ALA B 393 -34.20 13.92 -0.89
N GLU B 394 -33.09 13.19 -0.97
CA GLU B 394 -31.76 13.83 -0.93
C GLU B 394 -31.51 14.71 -2.15
N VAL B 395 -31.93 14.25 -3.32
CA VAL B 395 -31.81 15.06 -4.55
C VAL B 395 -32.62 16.36 -4.42
N ASP B 396 -33.86 16.25 -3.99
CA ASP B 396 -34.69 17.45 -3.70
C ASP B 396 -33.97 18.45 -2.78
N GLN B 397 -33.32 17.96 -1.73
CA GLN B 397 -32.56 18.84 -0.83
C GLN B 397 -31.40 19.54 -1.56
N LEU B 398 -30.63 18.77 -2.34
CA LEU B 398 -29.55 19.34 -3.14
C LEU B 398 -30.06 20.43 -4.11
N VAL B 399 -31.10 20.12 -4.87
N VAL B 399 -31.12 20.11 -4.84
CA VAL B 399 -31.62 21.07 -5.86
CA VAL B 399 -31.67 21.00 -5.84
C VAL B 399 -32.10 22.37 -5.21
C VAL B 399 -32.14 22.33 -5.23
N ARG B 400 -32.82 22.26 -4.10
CA ARG B 400 -33.32 23.44 -3.39
C ARG B 400 -32.17 24.32 -2.91
N ALA B 401 -31.11 23.68 -2.43
CA ALA B 401 -29.92 24.38 -1.98
C ALA B 401 -29.23 25.08 -3.15
N LEU B 402 -29.10 24.38 -4.27
CA LEU B 402 -28.52 25.00 -5.47
C LEU B 402 -29.38 26.17 -5.96
N ALA B 403 -30.70 26.02 -5.86
CA ALA B 403 -31.63 27.07 -6.31
C ALA B 403 -31.42 28.35 -5.52
N SER B 404 -30.97 28.22 -4.28
CA SER B 404 -30.82 29.37 -3.40
C SER B 404 -29.60 30.26 -3.72
N LEU B 405 -28.78 29.82 -4.68
CA LEU B 405 -27.55 30.53 -5.05
C LEU B 405 -27.72 31.56 -6.17
N GLY B 406 -26.81 32.53 -6.20
CA GLY B 406 -26.77 33.53 -7.27
C GLY B 406 -25.91 33.06 -8.43
#